data_3GW2
# 
_entry.id   3GW2 
# 
_audit_conform.dict_name       mmcif_pdbx.dic 
_audit_conform.dict_version    5.398 
_audit_conform.dict_location   http://mmcif.pdb.org/dictionaries/ascii/mmcif_pdbx.dic 
# 
loop_
_database_2.database_id 
_database_2.database_code 
_database_2.pdbx_database_accession 
_database_2.pdbx_DOI 
PDB   3GW2         pdb_00003gw2 10.2210/pdb3gw2/pdb 
RCSB  RCSB052378   ?            ?                   
WWPDB D_1000052378 ?            ?                   
# 
loop_
_pdbx_audit_revision_history.ordinal 
_pdbx_audit_revision_history.data_content_type 
_pdbx_audit_revision_history.major_revision 
_pdbx_audit_revision_history.minor_revision 
_pdbx_audit_revision_history.revision_date 
1 'Structure model' 1 0 2009-04-21 
2 'Structure model' 1 1 2011-07-13 
3 'Structure model' 1 2 2017-11-01 
4 'Structure model' 1 3 2024-11-06 
# 
_pdbx_audit_revision_details.ordinal             1 
_pdbx_audit_revision_details.revision_ordinal    1 
_pdbx_audit_revision_details.data_content_type   'Structure model' 
_pdbx_audit_revision_details.provider            repository 
_pdbx_audit_revision_details.type                'Initial release' 
_pdbx_audit_revision_details.description         ? 
_pdbx_audit_revision_details.details             ? 
# 
loop_
_pdbx_audit_revision_group.ordinal 
_pdbx_audit_revision_group.revision_ordinal 
_pdbx_audit_revision_group.data_content_type 
_pdbx_audit_revision_group.group 
1  2 'Structure model' Advisory                    
2  2 'Structure model' 'Refinement description'    
3  2 'Structure model' 'Source and taxonomy'       
4  2 'Structure model' 'Version format compliance' 
5  3 'Structure model' Advisory                    
6  3 'Structure model' 'Refinement description'    
7  4 'Structure model' Advisory                    
8  4 'Structure model' 'Data collection'           
9  4 'Structure model' 'Database references'       
10 4 'Structure model' 'Derived calculations'      
11 4 'Structure model' 'Structure summary'         
# 
loop_
_pdbx_audit_revision_category.ordinal 
_pdbx_audit_revision_category.revision_ordinal 
_pdbx_audit_revision_category.data_content_type 
_pdbx_audit_revision_category.category 
1  3 'Structure model' pdbx_unobs_or_zero_occ_atoms 
2  3 'Structure model' software                     
3  4 'Structure model' chem_comp_atom               
4  4 'Structure model' chem_comp_bond               
5  4 'Structure model' database_2                   
6  4 'Structure model' pdbx_entry_details           
7  4 'Structure model' pdbx_modification_feature    
8  4 'Structure model' pdbx_unobs_or_zero_occ_atoms 
9  4 'Structure model' struct_conn                  
10 4 'Structure model' struct_ref_seq_dif           
# 
loop_
_pdbx_audit_revision_item.ordinal 
_pdbx_audit_revision_item.revision_ordinal 
_pdbx_audit_revision_item.data_content_type 
_pdbx_audit_revision_item.item 
1 3 'Structure model' '_software.name'                      
2 4 'Structure model' '_database_2.pdbx_DOI'                
3 4 'Structure model' '_database_2.pdbx_database_accession' 
4 4 'Structure model' '_struct_conn.pdbx_leaving_atom_flag' 
5 4 'Structure model' '_struct_ref_seq_dif.details'         
# 
_pdbx_database_status.entry_id                        3GW2 
_pdbx_database_status.deposit_site                    RCSB 
_pdbx_database_status.process_site                    RCSB 
_pdbx_database_status.recvd_initial_deposition_date   2009-03-31 
_pdbx_database_status.status_code                     REL 
_pdbx_database_status.status_code_sf                  REL 
_pdbx_database_status.status_code_mr                  ? 
_pdbx_database_status.SG_entry                        Y 
_pdbx_database_status.pdb_format_compatible           Y 
_pdbx_database_status.status_code_cs                  ? 
_pdbx_database_status.methods_development_category    ? 
_pdbx_database_status.status_code_nmr_data            ? 
# 
_pdbx_database_related.db_name        TargetDB 
_pdbx_database_related.db_id          MbR242E 
_pdbx_database_related.details        . 
_pdbx_database_related.content_type   unspecified 
# 
loop_
_audit_author.name 
_audit_author.pdbx_ordinal 
'Kuzin, A.P.'                                     1  
'Su, M.'                                          2  
'Seetharaman, J.'                                 3  
'Mao, M.'                                         4  
'Xiao, R.'                                        5  
'Ciccosanti, C.'                                  6  
'Wang, D.'                                        7  
'Everett, J.K.'                                   8  
'Nair, R.'                                        9  
'Acton, T.B.'                                     10 
'Rost, B.'                                        11 
'Montelione, G.T.'                                12 
'Tong, L.'                                        13 
'Hunt, J.F.'                                      14 
'Northeast Structural Genomics Consortium (NESG)' 15 
# 
_citation.id                        primary 
_citation.title                     'Northeast Structural Genomics Consortium Target MbR242E' 
_citation.journal_abbrev            'To be published' 
_citation.journal_volume            ? 
_citation.page_first                ? 
_citation.page_last                 ? 
_citation.year                      ? 
_citation.journal_id_ASTM           ? 
_citation.country                   ? 
_citation.journal_id_ISSN           ? 
_citation.journal_id_CSD            0353 
_citation.book_publisher            ? 
_citation.pdbx_database_id_PubMed   ? 
_citation.pdbx_database_id_DOI      ? 
# 
loop_
_citation_author.citation_id 
_citation_author.name 
_citation_author.ordinal 
_citation_author.identifier_ORCID 
primary 'Kuzin, A.P.'      1  ? 
primary 'Su, M.'           2  ? 
primary 'Seetharaman, J.'  3  ? 
primary 'Mao, M.'          4  ? 
primary 'Xiao, R.'         5  ? 
primary 'Ciccosanti, C.'   6  ? 
primary 'Wang, D.'         7  ? 
primary 'Everett, J.K.'    8  ? 
primary 'Nair, R.'         9  ? 
primary 'Acton, T.B.'      10 ? 
primary 'Rost, B.'         11 ? 
primary 'Montelione, G.T.' 12 ? 
primary 'Tong, L.'         13 ? 
primary 'Hunt, J.F.'       14 ? 
# 
loop_
_entity.id 
_entity.type 
_entity.src_method 
_entity.pdbx_description 
_entity.formula_weight 
_entity.pdbx_number_of_molecules 
_entity.pdbx_ec 
_entity.pdbx_mutation 
_entity.pdbx_fragment 
_entity.details 
1 polymer man 'Possible transcriptional regulatory arsR-family protein' 11840.094 1  ? ? 'UNP residues 1-100' ? 
2 water   nat water                                                     18.015    19 ? ? ?                    ? 
# 
_entity_poly.entity_id                      1 
_entity_poly.type                           'polypeptide(L)' 
_entity_poly.nstd_linkage                   no 
_entity_poly.nstd_monomer                   yes 
_entity_poly.pdbx_seq_one_letter_code       
;(MSE)AGQSDRKAALLDQVARVGKALANGRRLQILDLLAQGERAVEAIATATG(MSE)NLTTASANLQALKSGGLVEARR
EGTRQYYRIAGEDVARLFALVQVVADEHLEHHHHHH
;
_entity_poly.pdbx_seq_one_letter_code_can   
;MAGQSDRKAALLDQVARVGKALANGRRLQILDLLAQGERAVEAIATATGMNLTTASANLQALKSGGLVEARREGTRQYYR
IAGEDVARLFALVQVVADEHLEHHHHHH
;
_entity_poly.pdbx_strand_id                 A 
_entity_poly.pdbx_target_identifier         MbR242E 
# 
_pdbx_entity_nonpoly.entity_id   2 
_pdbx_entity_nonpoly.name        water 
_pdbx_entity_nonpoly.comp_id     HOH 
# 
loop_
_entity_poly_seq.entity_id 
_entity_poly_seq.num 
_entity_poly_seq.mon_id 
_entity_poly_seq.hetero 
1 1   MSE n 
1 2   ALA n 
1 3   GLY n 
1 4   GLN n 
1 5   SER n 
1 6   ASP n 
1 7   ARG n 
1 8   LYS n 
1 9   ALA n 
1 10  ALA n 
1 11  LEU n 
1 12  LEU n 
1 13  ASP n 
1 14  GLN n 
1 15  VAL n 
1 16  ALA n 
1 17  ARG n 
1 18  VAL n 
1 19  GLY n 
1 20  LYS n 
1 21  ALA n 
1 22  LEU n 
1 23  ALA n 
1 24  ASN n 
1 25  GLY n 
1 26  ARG n 
1 27  ARG n 
1 28  LEU n 
1 29  GLN n 
1 30  ILE n 
1 31  LEU n 
1 32  ASP n 
1 33  LEU n 
1 34  LEU n 
1 35  ALA n 
1 36  GLN n 
1 37  GLY n 
1 38  GLU n 
1 39  ARG n 
1 40  ALA n 
1 41  VAL n 
1 42  GLU n 
1 43  ALA n 
1 44  ILE n 
1 45  ALA n 
1 46  THR n 
1 47  ALA n 
1 48  THR n 
1 49  GLY n 
1 50  MSE n 
1 51  ASN n 
1 52  LEU n 
1 53  THR n 
1 54  THR n 
1 55  ALA n 
1 56  SER n 
1 57  ALA n 
1 58  ASN n 
1 59  LEU n 
1 60  GLN n 
1 61  ALA n 
1 62  LEU n 
1 63  LYS n 
1 64  SER n 
1 65  GLY n 
1 66  GLY n 
1 67  LEU n 
1 68  VAL n 
1 69  GLU n 
1 70  ALA n 
1 71  ARG n 
1 72  ARG n 
1 73  GLU n 
1 74  GLY n 
1 75  THR n 
1 76  ARG n 
1 77  GLN n 
1 78  TYR n 
1 79  TYR n 
1 80  ARG n 
1 81  ILE n 
1 82  ALA n 
1 83  GLY n 
1 84  GLU n 
1 85  ASP n 
1 86  VAL n 
1 87  ALA n 
1 88  ARG n 
1 89  LEU n 
1 90  PHE n 
1 91  ALA n 
1 92  LEU n 
1 93  VAL n 
1 94  GLN n 
1 95  VAL n 
1 96  VAL n 
1 97  ALA n 
1 98  ASP n 
1 99  GLU n 
1 100 HIS n 
1 101 LEU n 
1 102 GLU n 
1 103 HIS n 
1 104 HIS n 
1 105 HIS n 
1 106 HIS n 
1 107 HIS n 
1 108 HIS n 
# 
_entity_src_gen.entity_id                          1 
_entity_src_gen.pdbx_src_id                        1 
_entity_src_gen.pdbx_alt_source_flag               sample 
_entity_src_gen.pdbx_seq_type                      ? 
_entity_src_gen.pdbx_beg_seq_num                   ? 
_entity_src_gen.pdbx_end_seq_num                   ? 
_entity_src_gen.gene_src_common_name               ? 
_entity_src_gen.gene_src_genus                     ? 
_entity_src_gen.pdbx_gene_src_gene                 Mb0332 
_entity_src_gen.gene_src_species                   ? 
_entity_src_gen.gene_src_strain                    AF2122/97 
_entity_src_gen.gene_src_tissue                    ? 
_entity_src_gen.gene_src_tissue_fraction           ? 
_entity_src_gen.gene_src_details                   ? 
_entity_src_gen.pdbx_gene_src_fragment             ? 
_entity_src_gen.pdbx_gene_src_scientific_name      'Mycobacterium bovis' 
_entity_src_gen.pdbx_gene_src_ncbi_taxonomy_id     233413 
_entity_src_gen.pdbx_gene_src_variant              ? 
_entity_src_gen.pdbx_gene_src_cell_line            ? 
_entity_src_gen.pdbx_gene_src_atcc                 BAA-935 
_entity_src_gen.pdbx_gene_src_organ                ? 
_entity_src_gen.pdbx_gene_src_organelle            ? 
_entity_src_gen.pdbx_gene_src_cell                 ? 
_entity_src_gen.pdbx_gene_src_cellular_location    ? 
_entity_src_gen.host_org_common_name               ? 
_entity_src_gen.pdbx_host_org_scientific_name      'Escherichia coli' 
_entity_src_gen.pdbx_host_org_ncbi_taxonomy_id     562 
_entity_src_gen.host_org_genus                     ? 
_entity_src_gen.pdbx_host_org_gene                 ? 
_entity_src_gen.pdbx_host_org_organ                ? 
_entity_src_gen.host_org_species                   ? 
_entity_src_gen.pdbx_host_org_tissue               ? 
_entity_src_gen.pdbx_host_org_tissue_fraction      ? 
_entity_src_gen.pdbx_host_org_strain               'BL21(DE3)+Magic' 
_entity_src_gen.pdbx_host_org_variant              ? 
_entity_src_gen.pdbx_host_org_cell_line            ? 
_entity_src_gen.pdbx_host_org_atcc                 ? 
_entity_src_gen.pdbx_host_org_culture_collection   ? 
_entity_src_gen.pdbx_host_org_cell                 ? 
_entity_src_gen.pdbx_host_org_organelle            ? 
_entity_src_gen.pdbx_host_org_cellular_location    ? 
_entity_src_gen.pdbx_host_org_vector_type          Plasmid 
_entity_src_gen.pdbx_host_org_vector               ? 
_entity_src_gen.host_org_details                   ? 
_entity_src_gen.expression_system_id               ? 
_entity_src_gen.plasmid_name                       pET21-23C 
_entity_src_gen.plasmid_details                    ? 
_entity_src_gen.pdbx_description                   ? 
# 
loop_
_chem_comp.id 
_chem_comp.type 
_chem_comp.mon_nstd_flag 
_chem_comp.name 
_chem_comp.pdbx_synonyms 
_chem_comp.formula 
_chem_comp.formula_weight 
ALA 'L-peptide linking' y ALANINE          ? 'C3 H7 N O2'     89.093  
ARG 'L-peptide linking' y ARGININE         ? 'C6 H15 N4 O2 1' 175.209 
ASN 'L-peptide linking' y ASPARAGINE       ? 'C4 H8 N2 O3'    132.118 
ASP 'L-peptide linking' y 'ASPARTIC ACID'  ? 'C4 H7 N O4'     133.103 
GLN 'L-peptide linking' y GLUTAMINE        ? 'C5 H10 N2 O3'   146.144 
GLU 'L-peptide linking' y 'GLUTAMIC ACID'  ? 'C5 H9 N O4'     147.129 
GLY 'peptide linking'   y GLYCINE          ? 'C2 H5 N O2'     75.067  
HIS 'L-peptide linking' y HISTIDINE        ? 'C6 H10 N3 O2 1' 156.162 
HOH non-polymer         . WATER            ? 'H2 O'           18.015  
ILE 'L-peptide linking' y ISOLEUCINE       ? 'C6 H13 N O2'    131.173 
LEU 'L-peptide linking' y LEUCINE          ? 'C6 H13 N O2'    131.173 
LYS 'L-peptide linking' y LYSINE           ? 'C6 H15 N2 O2 1' 147.195 
MSE 'L-peptide linking' n SELENOMETHIONINE ? 'C5 H11 N O2 Se' 196.106 
PHE 'L-peptide linking' y PHENYLALANINE    ? 'C9 H11 N O2'    165.189 
SER 'L-peptide linking' y SERINE           ? 'C3 H7 N O3'     105.093 
THR 'L-peptide linking' y THREONINE        ? 'C4 H9 N O3'     119.119 
TYR 'L-peptide linking' y TYROSINE         ? 'C9 H11 N O3'    181.189 
VAL 'L-peptide linking' y VALINE           ? 'C5 H11 N O2'    117.146 
# 
loop_
_pdbx_poly_seq_scheme.asym_id 
_pdbx_poly_seq_scheme.entity_id 
_pdbx_poly_seq_scheme.seq_id 
_pdbx_poly_seq_scheme.mon_id 
_pdbx_poly_seq_scheme.ndb_seq_num 
_pdbx_poly_seq_scheme.pdb_seq_num 
_pdbx_poly_seq_scheme.auth_seq_num 
_pdbx_poly_seq_scheme.pdb_mon_id 
_pdbx_poly_seq_scheme.auth_mon_id 
_pdbx_poly_seq_scheme.pdb_strand_id 
_pdbx_poly_seq_scheme.pdb_ins_code 
_pdbx_poly_seq_scheme.hetero 
A 1 1   MSE 1   1   ?  ?   ?   A . n 
A 1 2   ALA 2   2   ?  ?   ?   A . n 
A 1 3   GLY 3   3   ?  ?   ?   A . n 
A 1 4   GLN 4   4   ?  ?   ?   A . n 
A 1 5   SER 5   5   ?  ?   ?   A . n 
A 1 6   ASP 6   6   ?  ?   ?   A . n 
A 1 7   ARG 7   7   7  ARG ARG A . n 
A 1 8   LYS 8   8   8  LYS LYS A . n 
A 1 9   ALA 9   9   9  ALA ALA A . n 
A 1 10  ALA 10  10  10 ALA ALA A . n 
A 1 11  LEU 11  11  11 LEU LEU A . n 
A 1 12  LEU 12  12  12 LEU LEU A . n 
A 1 13  ASP 13  13  13 ASP ASP A . n 
A 1 14  GLN 14  14  14 GLN GLN A . n 
A 1 15  VAL 15  15  15 VAL VAL A . n 
A 1 16  ALA 16  16  16 ALA ALA A . n 
A 1 17  ARG 17  17  17 ARG ARG A . n 
A 1 18  VAL 18  18  18 VAL VAL A . n 
A 1 19  GLY 19  19  19 GLY GLY A . n 
A 1 20  LYS 20  20  20 LYS LYS A . n 
A 1 21  ALA 21  21  21 ALA ALA A . n 
A 1 22  LEU 22  22  22 LEU LEU A . n 
A 1 23  ALA 23  23  23 ALA ALA A . n 
A 1 24  ASN 24  24  24 ASN ASN A . n 
A 1 25  GLY 25  25  25 GLY GLY A . n 
A 1 26  ARG 26  26  26 ARG ARG A . n 
A 1 27  ARG 27  27  27 ARG ARG A . n 
A 1 28  LEU 28  28  28 LEU LEU A . n 
A 1 29  GLN 29  29  29 GLN GLN A . n 
A 1 30  ILE 30  30  30 ILE ILE A . n 
A 1 31  LEU 31  31  31 LEU LEU A . n 
A 1 32  ASP 32  32  32 ASP ASP A . n 
A 1 33  LEU 33  33  33 LEU LEU A . n 
A 1 34  LEU 34  34  34 LEU LEU A . n 
A 1 35  ALA 35  35  35 ALA ALA A . n 
A 1 36  GLN 36  36  36 GLN GLN A . n 
A 1 37  GLY 37  37  37 GLY GLY A . n 
A 1 38  GLU 38  38  38 GLU GLU A . n 
A 1 39  ARG 39  39  39 ARG ARG A . n 
A 1 40  ALA 40  40  40 ALA ALA A . n 
A 1 41  VAL 41  41  41 VAL VAL A . n 
A 1 42  GLU 42  42  42 GLU GLU A . n 
A 1 43  ALA 43  43  43 ALA ALA A . n 
A 1 44  ILE 44  44  44 ILE ILE A . n 
A 1 45  ALA 45  45  45 ALA ALA A . n 
A 1 46  THR 46  46  46 THR THR A . n 
A 1 47  ALA 47  47  47 ALA ALA A . n 
A 1 48  THR 48  48  48 THR THR A . n 
A 1 49  GLY 49  49  49 GLY GLY A . n 
A 1 50  MSE 50  50  50 MSE MSE A . n 
A 1 51  ASN 51  51  51 ASN ASN A . n 
A 1 52  LEU 52  52  52 LEU LEU A . n 
A 1 53  THR 53  53  53 THR THR A . n 
A 1 54  THR 54  54  54 THR THR A . n 
A 1 55  ALA 55  55  55 ALA ALA A . n 
A 1 56  SER 56  56  56 SER SER A . n 
A 1 57  ALA 57  57  57 ALA ALA A . n 
A 1 58  ASN 58  58  58 ASN ASN A . n 
A 1 59  LEU 59  59  59 LEU LEU A . n 
A 1 60  GLN 60  60  60 GLN GLN A . n 
A 1 61  ALA 61  61  61 ALA ALA A . n 
A 1 62  LEU 62  62  62 LEU LEU A . n 
A 1 63  LYS 63  63  63 LYS LYS A . n 
A 1 64  SER 64  64  64 SER SER A . n 
A 1 65  GLY 65  65  65 GLY GLY A . n 
A 1 66  GLY 66  66  66 GLY GLY A . n 
A 1 67  LEU 67  67  67 LEU LEU A . n 
A 1 68  VAL 68  68  68 VAL VAL A . n 
A 1 69  GLU 69  69  69 GLU GLU A . n 
A 1 70  ALA 70  70  70 ALA ALA A . n 
A 1 71  ARG 71  71  71 ARG ARG A . n 
A 1 72  ARG 72  72  72 ARG ARG A . n 
A 1 73  GLU 73  73  73 GLU GLU A . n 
A 1 74  GLY 74  74  74 GLY GLY A . n 
A 1 75  THR 75  75  75 THR THR A . n 
A 1 76  ARG 76  76  76 ARG ARG A . n 
A 1 77  GLN 77  77  77 GLN GLN A . n 
A 1 78  TYR 78  78  78 TYR TYR A . n 
A 1 79  TYR 79  79  79 TYR TYR A . n 
A 1 80  ARG 80  80  80 ARG ARG A . n 
A 1 81  ILE 81  81  81 ILE ILE A . n 
A 1 82  ALA 82  82  82 ALA ALA A . n 
A 1 83  GLY 83  83  83 GLY GLY A . n 
A 1 84  GLU 84  84  84 GLU GLU A . n 
A 1 85  ASP 85  85  85 ASP ASP A . n 
A 1 86  VAL 86  86  86 VAL VAL A . n 
A 1 87  ALA 87  87  87 ALA ALA A . n 
A 1 88  ARG 88  88  88 ARG ARG A . n 
A 1 89  LEU 89  89  89 LEU LEU A . n 
A 1 90  PHE 90  90  90 PHE PHE A . n 
A 1 91  ALA 91  91  91 ALA ALA A . n 
A 1 92  LEU 92  92  92 LEU LEU A . n 
A 1 93  VAL 93  93  93 VAL VAL A . n 
A 1 94  GLN 94  94  94 GLN GLN A . n 
A 1 95  VAL 95  95  95 VAL VAL A . n 
A 1 96  VAL 96  96  96 VAL VAL A . n 
A 1 97  ALA 97  97  97 ALA ALA A . n 
A 1 98  ASP 98  98  98 ASP ASP A . n 
A 1 99  GLU 99  99  99 GLU GLU A . n 
A 1 100 HIS 100 100 ?  ?   ?   A . n 
A 1 101 LEU 101 101 ?  ?   ?   A . n 
A 1 102 GLU 102 102 ?  ?   ?   A . n 
A 1 103 HIS 103 103 ?  ?   ?   A . n 
A 1 104 HIS 104 104 ?  ?   ?   A . n 
A 1 105 HIS 105 105 ?  ?   ?   A . n 
A 1 106 HIS 106 106 ?  ?   ?   A . n 
A 1 107 HIS 107 107 ?  ?   ?   A . n 
A 1 108 HIS 108 108 ?  ?   ?   A . n 
# 
loop_
_pdbx_nonpoly_scheme.asym_id 
_pdbx_nonpoly_scheme.entity_id 
_pdbx_nonpoly_scheme.mon_id 
_pdbx_nonpoly_scheme.ndb_seq_num 
_pdbx_nonpoly_scheme.pdb_seq_num 
_pdbx_nonpoly_scheme.auth_seq_num 
_pdbx_nonpoly_scheme.pdb_mon_id 
_pdbx_nonpoly_scheme.auth_mon_id 
_pdbx_nonpoly_scheme.pdb_strand_id 
_pdbx_nonpoly_scheme.pdb_ins_code 
B 2 HOH 1  109 109 HOH HOH A . 
B 2 HOH 2  110 110 HOH HOH A . 
B 2 HOH 3  111 111 HOH HOH A . 
B 2 HOH 4  112 112 HOH HOH A . 
B 2 HOH 5  113 113 HOH HOH A . 
B 2 HOH 6  114 114 HOH HOH A . 
B 2 HOH 7  115 115 HOH HOH A . 
B 2 HOH 8  116 116 HOH HOH A . 
B 2 HOH 9  117 117 HOH HOH A . 
B 2 HOH 10 118 118 HOH HOH A . 
B 2 HOH 11 119 119 HOH HOH A . 
B 2 HOH 12 120 120 HOH HOH A . 
B 2 HOH 13 121 121 HOH HOH A . 
B 2 HOH 14 122 122 HOH HOH A . 
B 2 HOH 15 123 123 HOH HOH A . 
B 2 HOH 16 124 124 HOH HOH A . 
B 2 HOH 17 125 125 HOH HOH A . 
B 2 HOH 18 126 126 HOH HOH A . 
B 2 HOH 19 127 127 HOH HOH A . 
# 
loop_
_pdbx_unobs_or_zero_occ_atoms.id 
_pdbx_unobs_or_zero_occ_atoms.PDB_model_num 
_pdbx_unobs_or_zero_occ_atoms.polymer_flag 
_pdbx_unobs_or_zero_occ_atoms.occupancy_flag 
_pdbx_unobs_or_zero_occ_atoms.auth_asym_id 
_pdbx_unobs_or_zero_occ_atoms.auth_comp_id 
_pdbx_unobs_or_zero_occ_atoms.auth_seq_id 
_pdbx_unobs_or_zero_occ_atoms.PDB_ins_code 
_pdbx_unobs_or_zero_occ_atoms.auth_atom_id 
_pdbx_unobs_or_zero_occ_atoms.label_alt_id 
_pdbx_unobs_or_zero_occ_atoms.label_asym_id 
_pdbx_unobs_or_zero_occ_atoms.label_comp_id 
_pdbx_unobs_or_zero_occ_atoms.label_seq_id 
_pdbx_unobs_or_zero_occ_atoms.label_atom_id 
1 1 Y 0 A ARG 80 ? CA  A A ARG 80 CA  
2 1 Y 0 A ARG 80 ? CB  A A ARG 80 CB  
3 1 Y 0 A ARG 80 ? CG  A A ARG 80 CG  
4 1 Y 0 A ARG 80 ? CD  A A ARG 80 CD  
5 1 Y 0 A ARG 80 ? NE  A A ARG 80 NE  
6 1 Y 0 A ARG 80 ? CZ  A A ARG 80 CZ  
7 1 Y 0 A ARG 80 ? NH1 A A ARG 80 NH1 
8 1 Y 0 A ARG 80 ? NH2 A A ARG 80 NH2 
# 
loop_
_software.name 
_software.version 
_software.date 
_software.type 
_software.contact_author 
_software.contact_author_email 
_software.classification 
_software.location 
_software.language 
_software.citation_id 
_software.pdbx_ordinal 
REFMAC      5.2.0019 ?                 program 'Murshudov, G.N.' ccp4@dl.ac.uk            refinement        
http://www.ccp4.ac.uk/main.html  Fortran_77 ? 1 
PDB_EXTRACT 3.00     'March. 27, 2007' package PDB               sw-help@rcsb.rutgers.edu 'data extraction' 
http://pdb.rutgers.edu/software/ C++        ? 2 
ADSC        Quantum  ?                 ?       ?                 ?                        'data collection' ? ?          ? 3 
HKL-2000    .        ?                 ?       ?                 ?                        'data reduction'  ? ?          ? 4 
HKL-2000    .        ?                 ?       ?                 ?                        'data scaling'    ? ?          ? 5 
SnB         .        ?                 ?       ?                 ?                        phasing           ? ?          ? 6 
# 
_cell.entry_id           3GW2 
_cell.length_a           91.090 
_cell.length_b           91.090 
_cell.length_c           62.430 
_cell.angle_alpha        90.00 
_cell.angle_beta         90.00 
_cell.angle_gamma        120.00 
_cell.Z_PDB              12 
_cell.pdbx_unique_axis   ? 
_cell.length_a_esd       ? 
_cell.length_b_esd       ? 
_cell.length_c_esd       ? 
_cell.angle_alpha_esd    ? 
_cell.angle_beta_esd     ? 
_cell.angle_gamma_esd    ? 
# 
_symmetry.entry_id                         3GW2 
_symmetry.space_group_name_H-M             'P 64 2 2' 
_symmetry.pdbx_full_space_group_name_H-M   ? 
_symmetry.cell_setting                     ? 
_symmetry.Int_Tables_number                181 
_symmetry.space_group_name_Hall            ? 
# 
_exptl.entry_id          3GW2 
_exptl.method            'X-RAY DIFFRACTION' 
_exptl.crystals_number   1 
# 
_exptl_crystal.id                    1 
_exptl_crystal.density_meas          ? 
_exptl_crystal.density_Matthews      3.16 
_exptl_crystal.density_percent_sol   61.04 
_exptl_crystal.description           ? 
_exptl_crystal.F_000                 ? 
_exptl_crystal.preparation           ? 
# 
_exptl_crystal_grow.crystal_id      1 
_exptl_crystal_grow.method          'VAPOR DIFFUSION, HANGING DROP' 
_exptl_crystal_grow.temp            293 
_exptl_crystal_grow.temp_details    ? 
_exptl_crystal_grow.pH              7.2 
_exptl_crystal_grow.pdbx_pH_range   ? 
_exptl_crystal_grow.pdbx_details    
;Protein solution: 100mM NaCl, 5mM DTT, 0.02% NaN3, 10mM Tris-HCl pH 7.5. Reservoir solution: 22% PEG 4000, 0.1M Bis-Tris pH 7.2, 0.1M NH4H2PO4, 20% Glycerol, VAPOR DIFFUSION, HANGING DROP, temperature 293K
;
# 
_diffrn.id                     1 
_diffrn.ambient_temp           100 
_diffrn.ambient_temp_details   ? 
_diffrn.crystal_id             1 
# 
_diffrn_detector.diffrn_id              1 
_diffrn_detector.detector               CCD 
_diffrn_detector.type                   'ADSC QUANTUM 4' 
_diffrn_detector.pdbx_collection_date   2009-03-12 
_diffrn_detector.details                mirrors 
# 
_diffrn_radiation.diffrn_id                        1 
_diffrn_radiation.wavelength_id                    1 
_diffrn_radiation.pdbx_monochromatic_or_laue_m_l   M 
_diffrn_radiation.monochromator                    'Si(111) CHANNEL' 
_diffrn_radiation.pdbx_diffrn_protocol             MAD 
_diffrn_radiation.pdbx_scattering_type             x-ray 
# 
loop_
_diffrn_radiation_wavelength.id 
_diffrn_radiation_wavelength.wavelength 
_diffrn_radiation_wavelength.wt 
1 0.97900 1.0 
2 0.97928 1.0 
3 0.96785 1.0 
# 
_diffrn_source.diffrn_id                   1 
_diffrn_source.source                      SYNCHROTRON 
_diffrn_source.type                        'NSLS BEAMLINE X4A' 
_diffrn_source.pdbx_synchrotron_site       NSLS 
_diffrn_source.pdbx_synchrotron_beamline   X4A 
_diffrn_source.pdbx_wavelength             ? 
_diffrn_source.pdbx_wavelength_list        '0.97900, 0.97928, 0.96785' 
# 
_reflns.entry_id                     3GW2 
_reflns.observed_criterion_sigma_I   -3.0 
_reflns.observed_criterion_sigma_F   ? 
_reflns.d_resolution_low             50.0 
_reflns.d_resolution_high            2.1 
_reflns.number_obs                   16969 
_reflns.number_all                   ? 
_reflns.percent_possible_obs         99.9 
_reflns.pdbx_Rmerge_I_obs            0.062 
_reflns.pdbx_Rsym_value              ? 
_reflns.pdbx_netI_over_sigmaI        62.8 
_reflns.B_iso_Wilson_estimate        ? 
_reflns.pdbx_redundancy              27.6 
_reflns.R_free_details               ? 
_reflns.limit_h_max                  ? 
_reflns.limit_h_min                  ? 
_reflns.limit_k_max                  ? 
_reflns.limit_k_min                  ? 
_reflns.limit_l_max                  ? 
_reflns.limit_l_min                  ? 
_reflns.observed_criterion_F_max     ? 
_reflns.observed_criterion_F_min     ? 
_reflns.pdbx_chi_squared             ? 
_reflns.pdbx_scaling_rejects         ? 
_reflns.pdbx_ordinal                 1 
_reflns.pdbx_diffrn_id               1 
# 
_reflns_shell.d_res_high             2.10 
_reflns_shell.d_res_low              2.18 
_reflns_shell.percent_possible_all   100 
_reflns_shell.Rmerge_I_obs           0.345 
_reflns_shell.pdbx_Rsym_value        ? 
_reflns_shell.meanI_over_sigI_obs    12.6 
_reflns_shell.pdbx_redundancy        27.7 
_reflns_shell.percent_possible_obs   ? 
_reflns_shell.number_unique_all      ? 
_reflns_shell.number_measured_all    ? 
_reflns_shell.number_measured_obs    ? 
_reflns_shell.number_unique_obs      ? 
_reflns_shell.pdbx_chi_squared       ? 
_reflns_shell.pdbx_ordinal           1 
_reflns_shell.pdbx_diffrn_id         1 
# 
_refine.pdbx_refine_id                           'X-RAY DIFFRACTION' 
_refine.entry_id                                 3GW2 
_refine.ls_number_reflns_obs                     9076 
_refine.ls_number_reflns_all                     ? 
_refine.pdbx_ls_sigma_I                          ? 
_refine.pdbx_ls_sigma_F                          ? 
_refine.pdbx_data_cutoff_high_absF               ? 
_refine.pdbx_data_cutoff_low_absF                ? 
_refine.pdbx_data_cutoff_high_rms_absF           ? 
_refine.ls_d_res_low                             19.72 
_refine.ls_d_res_high                            2.10 
_refine.ls_percent_reflns_obs                    100.00 
_refine.ls_R_factor_obs                          0.23892 
_refine.ls_R_factor_all                          ? 
_refine.ls_R_factor_R_work                       0.23828 
_refine.ls_R_factor_R_free                       0.25160 
_refine.ls_R_factor_R_free_error                 ? 
_refine.ls_R_factor_R_free_error_details         ? 
_refine.ls_percent_reflns_R_free                 4.9 
_refine.ls_number_reflns_R_free                  442 
_refine.ls_number_parameters                     ? 
_refine.ls_number_restraints                     ? 
_refine.occupancy_min                            ? 
_refine.occupancy_max                            ? 
_refine.correlation_coeff_Fo_to_Fc               0.924 
_refine.correlation_coeff_Fo_to_Fc_free          0.916 
_refine.B_iso_mean                               36.778 
_refine.aniso_B[1][1]                            -0.10 
_refine.aniso_B[2][2]                            -0.10 
_refine.aniso_B[3][3]                            0.15 
_refine.aniso_B[1][2]                            -0.05 
_refine.aniso_B[1][3]                            0.00 
_refine.aniso_B[2][3]                            0.00 
_refine.solvent_model_details                    'BABINET MODEL WITH MASK' 
_refine.solvent_model_param_ksol                 ? 
_refine.solvent_model_param_bsol                 ? 
_refine.pdbx_solvent_vdw_probe_radii             1.20 
_refine.pdbx_solvent_ion_probe_radii             0.80 
_refine.pdbx_solvent_shrinkage_radii             0.80 
_refine.pdbx_ls_cross_valid_method               THROUGHOUT 
_refine.details                                  'The Friedel pairs were used in phasing' 
_refine.pdbx_starting_model                      ? 
_refine.pdbx_method_to_determine_struct          MAD 
_refine.pdbx_isotropic_thermal_model             ? 
_refine.pdbx_stereochemistry_target_values       'MAXIMUM LIKELIHOOD' 
_refine.pdbx_stereochem_target_val_spec_case     ? 
_refine.pdbx_R_Free_selection_details            RANDOM 
_refine.pdbx_overall_ESU_R                       0.179 
_refine.pdbx_overall_ESU_R_Free                  0.155 
_refine.overall_SU_ML                            0.126 
_refine.pdbx_overall_phase_error                 ? 
_refine.overall_SU_B                             10.635 
_refine.ls_redundancy_reflns_obs                 ? 
_refine.B_iso_min                                ? 
_refine.B_iso_max                                ? 
_refine.overall_SU_R_Cruickshank_DPI             ? 
_refine.overall_SU_R_free                        ? 
_refine.ls_wR_factor_R_free                      ? 
_refine.ls_wR_factor_R_work                      ? 
_refine.overall_FOM_free_R_set                   ? 
_refine.overall_FOM_work_R_set                   ? 
_refine.pdbx_TLS_residual_ADP_flag               'LIKELY RESIDUAL' 
_refine.pdbx_diffrn_id                           1 
_refine.pdbx_overall_SU_R_free_Cruickshank_DPI   ? 
_refine.pdbx_overall_SU_R_Blow_DPI               ? 
_refine.pdbx_overall_SU_R_free_Blow_DPI          ? 
# 
_refine_hist.pdbx_refine_id                   'X-RAY DIFFRACTION' 
_refine_hist.cycle_id                         LAST 
_refine_hist.pdbx_number_atoms_protein        697 
_refine_hist.pdbx_number_atoms_nucleic_acid   0 
_refine_hist.pdbx_number_atoms_ligand         0 
_refine_hist.number_atoms_solvent             19 
_refine_hist.number_atoms_total               716 
_refine_hist.d_res_high                       2.10 
_refine_hist.d_res_low                        19.72 
# 
loop_
_refine_ls_restr.type 
_refine_ls_restr.dev_ideal 
_refine_ls_restr.dev_ideal_target 
_refine_ls_restr.weight 
_refine_ls_restr.number 
_refine_ls_restr.pdbx_refine_id 
_refine_ls_restr.pdbx_restraint_function 
r_bond_refined_d             0.010  0.022  ? 699 'X-RAY DIFFRACTION' ? 
r_bond_other_d               ?      ?      ? ?   'X-RAY DIFFRACTION' ? 
r_angle_refined_deg          1.113  1.976  ? 941 'X-RAY DIFFRACTION' ? 
r_angle_other_deg            ?      ?      ? ?   'X-RAY DIFFRACTION' ? 
r_dihedral_angle_1_deg       5.626  5.000  ? 92  'X-RAY DIFFRACTION' ? 
r_dihedral_angle_2_deg       41.597 22.812 ? 32  'X-RAY DIFFRACTION' ? 
r_dihedral_angle_3_deg       19.361 15.000 ? 126 'X-RAY DIFFRACTION' ? 
r_dihedral_angle_4_deg       16.579 15.000 ? 10  'X-RAY DIFFRACTION' ? 
r_chiral_restr               0.060  0.200  ? 114 'X-RAY DIFFRACTION' ? 
r_gen_planes_refined         0.003  0.020  ? 517 'X-RAY DIFFRACTION' ? 
r_gen_planes_other           ?      ?      ? ?   'X-RAY DIFFRACTION' ? 
r_nbd_refined                0.197  0.200  ? 306 'X-RAY DIFFRACTION' ? 
r_nbd_other                  ?      ?      ? ?   'X-RAY DIFFRACTION' ? 
r_nbtor_refined              0.296  0.200  ? 486 'X-RAY DIFFRACTION' ? 
r_nbtor_other                ?      ?      ? ?   'X-RAY DIFFRACTION' ? 
r_xyhbond_nbd_refined        0.136  0.200  ? 31  'X-RAY DIFFRACTION' ? 
r_xyhbond_nbd_other          ?      ?      ? ?   'X-RAY DIFFRACTION' ? 
r_metal_ion_refined          ?      ?      ? ?   'X-RAY DIFFRACTION' ? 
r_metal_ion_other            ?      ?      ? ?   'X-RAY DIFFRACTION' ? 
r_symmetry_vdw_refined       0.207  0.200  ? 33  'X-RAY DIFFRACTION' ? 
r_symmetry_vdw_other         ?      ?      ? ?   'X-RAY DIFFRACTION' ? 
r_symmetry_hbond_refined     0.036  0.200  ? 1   'X-RAY DIFFRACTION' ? 
r_symmetry_hbond_other       ?      ?      ? ?   'X-RAY DIFFRACTION' ? 
r_symmetry_metal_ion_refined ?      ?      ? ?   'X-RAY DIFFRACTION' ? 
r_symmetry_metal_ion_other   ?      ?      ? ?   'X-RAY DIFFRACTION' ? 
r_mcbond_it                  0.877  1.500  ? 471 'X-RAY DIFFRACTION' ? 
r_mcbond_other               ?      ?      ? ?   'X-RAY DIFFRACTION' ? 
r_mcangle_it                 1.214  2.000  ? 715 'X-RAY DIFFRACTION' ? 
r_scbond_it                  1.926  3.000  ? 252 'X-RAY DIFFRACTION' ? 
r_scangle_it                 3.018  4.500  ? 226 'X-RAY DIFFRACTION' ? 
r_rigid_bond_restr           ?      ?      ? ?   'X-RAY DIFFRACTION' ? 
r_sphericity_free            ?      ?      ? ?   'X-RAY DIFFRACTION' ? 
r_sphericity_bonded          ?      ?      ? ?   'X-RAY DIFFRACTION' ? 
# 
_refine_ls_shell.pdbx_refine_id                   'X-RAY DIFFRACTION' 
_refine_ls_shell.pdbx_total_number_of_bins_used   20 
_refine_ls_shell.d_res_high                       2.100 
_refine_ls_shell.d_res_low                        2.154 
_refine_ls_shell.number_reflns_R_work             579 
_refine_ls_shell.R_factor_R_work                  0.234 
_refine_ls_shell.percent_reflns_obs               100.00 
_refine_ls_shell.R_factor_R_free                  0.275 
_refine_ls_shell.R_factor_R_free_error            ? 
_refine_ls_shell.percent_reflns_R_free            ? 
_refine_ls_shell.number_reflns_R_free             37 
_refine_ls_shell.number_reflns_all                ? 
_refine_ls_shell.R_factor_all                     ? 
_refine_ls_shell.redundancy_reflns_obs            ? 
_refine_ls_shell.number_reflns_obs                ? 
# 
_struct.entry_id                  3GW2 
_struct.title                     
;Crystal structure of possible transcriptional regulatory protein (fragment 1-100) from Mycobacterium bovis. Northeast Structural Genomics Consortium Target MbR242E.
;
_struct.pdbx_model_details        ? 
_struct.pdbx_CASP_flag            N 
_struct.pdbx_model_type_details   ? 
# 
_struct_keywords.entry_id        3GW2 
_struct_keywords.text            
;Structural Genomics, PSI-2, Protein Structure Initiative, MbR242E, Q7U294, Northeast Structural Genomics Consortium, NESG, DNA-binding, Transcription, Transcription regulation, Transferase, TRANSCRIPTION REGULATOR
;
_struct_keywords.pdbx_keywords   'TRANSCRIPTION REGULATOR' 
# 
loop_
_struct_asym.id 
_struct_asym.pdbx_blank_PDB_chainid_flag 
_struct_asym.pdbx_modified 
_struct_asym.entity_id 
_struct_asym.details 
A N N 1 ? 
B N N 2 ? 
# 
_struct_ref.id                         1 
_struct_ref.db_name                    UNP 
_struct_ref.db_code                    Q7U294_MYCBO 
_struct_ref.pdbx_db_accession          Q7U294 
_struct_ref.entity_id                  1 
_struct_ref.pdbx_seq_one_letter_code   
;MAGQSDRKAALLDQVARVGKALANGRRLQILDLLAQGERAVEAIATATGMNLTTASANLQALKSGGLVEARREGTRQYYR
IAGEDVARLFALVQVVADEH
;
_struct_ref.pdbx_align_begin           1 
_struct_ref.pdbx_db_isoform            ? 
# 
_struct_ref_seq.align_id                      1 
_struct_ref_seq.ref_id                        1 
_struct_ref_seq.pdbx_PDB_id_code              3GW2 
_struct_ref_seq.pdbx_strand_id                A 
_struct_ref_seq.seq_align_beg                 1 
_struct_ref_seq.pdbx_seq_align_beg_ins_code   ? 
_struct_ref_seq.seq_align_end                 100 
_struct_ref_seq.pdbx_seq_align_end_ins_code   ? 
_struct_ref_seq.pdbx_db_accession             Q7U294 
_struct_ref_seq.db_align_beg                  1 
_struct_ref_seq.pdbx_db_align_beg_ins_code    ? 
_struct_ref_seq.db_align_end                  100 
_struct_ref_seq.pdbx_db_align_end_ins_code    ? 
_struct_ref_seq.pdbx_auth_seq_align_beg       1 
_struct_ref_seq.pdbx_auth_seq_align_end       100 
# 
loop_
_struct_ref_seq_dif.align_id 
_struct_ref_seq_dif.pdbx_pdb_id_code 
_struct_ref_seq_dif.mon_id 
_struct_ref_seq_dif.pdbx_pdb_strand_id 
_struct_ref_seq_dif.seq_num 
_struct_ref_seq_dif.pdbx_pdb_ins_code 
_struct_ref_seq_dif.pdbx_seq_db_name 
_struct_ref_seq_dif.pdbx_seq_db_accession_code 
_struct_ref_seq_dif.db_mon_id 
_struct_ref_seq_dif.pdbx_seq_db_seq_num 
_struct_ref_seq_dif.details 
_struct_ref_seq_dif.pdbx_auth_seq_num 
_struct_ref_seq_dif.pdbx_ordinal 
1 3GW2 LEU A 101 ? UNP Q7U294 ? ? 'expression tag' 101 1 
1 3GW2 GLU A 102 ? UNP Q7U294 ? ? 'expression tag' 102 2 
1 3GW2 HIS A 103 ? UNP Q7U294 ? ? 'expression tag' 103 3 
1 3GW2 HIS A 104 ? UNP Q7U294 ? ? 'expression tag' 104 4 
1 3GW2 HIS A 105 ? UNP Q7U294 ? ? 'expression tag' 105 5 
1 3GW2 HIS A 106 ? UNP Q7U294 ? ? 'expression tag' 106 6 
1 3GW2 HIS A 107 ? UNP Q7U294 ? ? 'expression tag' 107 7 
1 3GW2 HIS A 108 ? UNP Q7U294 ? ? 'expression tag' 108 8 
# 
_pdbx_struct_assembly.id                   1 
_pdbx_struct_assembly.details              software_defined_assembly 
_pdbx_struct_assembly.method_details       PISA 
_pdbx_struct_assembly.oligomeric_details   dimeric 
_pdbx_struct_assembly.oligomeric_count     2 
# 
loop_
_pdbx_struct_assembly_prop.biol_id 
_pdbx_struct_assembly_prop.type 
_pdbx_struct_assembly_prop.value 
_pdbx_struct_assembly_prop.details 
1 'ABSA (A^2)' 2700  ? 
1 MORE         -25.6 ? 
1 'SSA (A^2)'  9470  ? 
# 
_pdbx_struct_assembly_gen.assembly_id       1 
_pdbx_struct_assembly_gen.oper_expression   1,2 
_pdbx_struct_assembly_gen.asym_id_list      A,B 
# 
loop_
_pdbx_struct_oper_list.id 
_pdbx_struct_oper_list.type 
_pdbx_struct_oper_list.name 
_pdbx_struct_oper_list.symmetry_operation 
_pdbx_struct_oper_list.matrix[1][1] 
_pdbx_struct_oper_list.matrix[1][2] 
_pdbx_struct_oper_list.matrix[1][3] 
_pdbx_struct_oper_list.vector[1] 
_pdbx_struct_oper_list.matrix[2][1] 
_pdbx_struct_oper_list.matrix[2][2] 
_pdbx_struct_oper_list.matrix[2][3] 
_pdbx_struct_oper_list.vector[2] 
_pdbx_struct_oper_list.matrix[3][1] 
_pdbx_struct_oper_list.matrix[3][2] 
_pdbx_struct_oper_list.matrix[3][3] 
_pdbx_struct_oper_list.vector[3] 
1 'identity operation'         1_555 x,y,z       1.0000000000 0.0000000000  0.0000000000  0.0000000000  0.0000000000  1.0000000000  0.0000000000 0.0000000000  0.0000000000  0.0000000000 1.0000000000  0.0000000000   
2 'crystal symmetry operation' 4_665 -x+1,-y+1,z 0.8620264338 -0.5009127107 -0.0774395488 -3.1262429733 -0.5009127107 -0.8652470560 0.0208323865 -8.3987741002 -0.0774395488 0.0208323865 -0.9967793778 -20.8432820041 
# 
_struct_biol.id        1 
_struct_biol.details   ? 
# 
loop_
_struct_conf.conf_type_id 
_struct_conf.id 
_struct_conf.pdbx_PDB_helix_id 
_struct_conf.beg_label_comp_id 
_struct_conf.beg_label_asym_id 
_struct_conf.beg_label_seq_id 
_struct_conf.pdbx_beg_PDB_ins_code 
_struct_conf.end_label_comp_id 
_struct_conf.end_label_asym_id 
_struct_conf.end_label_seq_id 
_struct_conf.pdbx_end_PDB_ins_code 
_struct_conf.beg_auth_comp_id 
_struct_conf.beg_auth_asym_id 
_struct_conf.beg_auth_seq_id 
_struct_conf.end_auth_comp_id 
_struct_conf.end_auth_asym_id 
_struct_conf.end_auth_seq_id 
_struct_conf.pdbx_PDB_helix_class 
_struct_conf.details 
_struct_conf.pdbx_PDB_helix_length 
HELX_P HELX_P1 1 ALA A 10 ? ALA A 23 ? ALA A 10 ALA A 23 1 ? 14 
HELX_P HELX_P2 2 ARG A 26 ? ALA A 35 ? ARG A 26 ALA A 35 1 ? 10 
HELX_P HELX_P3 3 VAL A 41 ? GLY A 49 ? VAL A 41 GLY A 49 1 ? 9  
HELX_P HELX_P4 4 ASN A 51 ? GLY A 65 ? ASN A 51 GLY A 65 1 ? 15 
HELX_P HELX_P5 5 GLY A 83 ? GLU A 99 ? GLY A 83 GLU A 99 1 ? 17 
# 
_struct_conf_type.id          HELX_P 
_struct_conf_type.criteria    ? 
_struct_conf_type.reference   ? 
# 
loop_
_struct_conn.id 
_struct_conn.conn_type_id 
_struct_conn.pdbx_leaving_atom_flag 
_struct_conn.pdbx_PDB_id 
_struct_conn.ptnr1_label_asym_id 
_struct_conn.ptnr1_label_comp_id 
_struct_conn.ptnr1_label_seq_id 
_struct_conn.ptnr1_label_atom_id 
_struct_conn.pdbx_ptnr1_label_alt_id 
_struct_conn.pdbx_ptnr1_PDB_ins_code 
_struct_conn.pdbx_ptnr1_standard_comp_id 
_struct_conn.ptnr1_symmetry 
_struct_conn.ptnr2_label_asym_id 
_struct_conn.ptnr2_label_comp_id 
_struct_conn.ptnr2_label_seq_id 
_struct_conn.ptnr2_label_atom_id 
_struct_conn.pdbx_ptnr2_label_alt_id 
_struct_conn.pdbx_ptnr2_PDB_ins_code 
_struct_conn.ptnr1_auth_asym_id 
_struct_conn.ptnr1_auth_comp_id 
_struct_conn.ptnr1_auth_seq_id 
_struct_conn.ptnr2_auth_asym_id 
_struct_conn.ptnr2_auth_comp_id 
_struct_conn.ptnr2_auth_seq_id 
_struct_conn.ptnr2_symmetry 
_struct_conn.pdbx_ptnr3_label_atom_id 
_struct_conn.pdbx_ptnr3_label_seq_id 
_struct_conn.pdbx_ptnr3_label_comp_id 
_struct_conn.pdbx_ptnr3_label_asym_id 
_struct_conn.pdbx_ptnr3_label_alt_id 
_struct_conn.pdbx_ptnr3_PDB_ins_code 
_struct_conn.details 
_struct_conn.pdbx_dist_value 
_struct_conn.pdbx_value_order 
_struct_conn.pdbx_role 
covale1 covale both ? A GLY 49 C ? ? ? 1_555 A MSE 50 N ? ? A GLY 49 A MSE 50 1_555 ? ? ? ? ? ? ? 1.337 ? ? 
covale2 covale both ? A MSE 50 C ? ? ? 1_555 A ASN 51 N ? ? A MSE 50 A ASN 51 1_555 ? ? ? ? ? ? ? 1.331 ? ? 
# 
_struct_conn_type.id          covale 
_struct_conn_type.criteria    ? 
_struct_conn_type.reference   ? 
# 
_pdbx_modification_feature.ordinal                            1 
_pdbx_modification_feature.label_comp_id                      MSE 
_pdbx_modification_feature.label_asym_id                      A 
_pdbx_modification_feature.label_seq_id                       50 
_pdbx_modification_feature.label_alt_id                       ? 
_pdbx_modification_feature.modified_residue_label_comp_id     . 
_pdbx_modification_feature.modified_residue_label_asym_id     . 
_pdbx_modification_feature.modified_residue_label_seq_id      . 
_pdbx_modification_feature.modified_residue_label_alt_id      . 
_pdbx_modification_feature.auth_comp_id                       MSE 
_pdbx_modification_feature.auth_asym_id                       A 
_pdbx_modification_feature.auth_seq_id                        50 
_pdbx_modification_feature.PDB_ins_code                       ? 
_pdbx_modification_feature.symmetry                           1_555 
_pdbx_modification_feature.modified_residue_auth_comp_id      . 
_pdbx_modification_feature.modified_residue_auth_asym_id      . 
_pdbx_modification_feature.modified_residue_auth_seq_id       . 
_pdbx_modification_feature.modified_residue_PDB_ins_code      . 
_pdbx_modification_feature.modified_residue_symmetry          . 
_pdbx_modification_feature.comp_id_linking_atom               . 
_pdbx_modification_feature.modified_residue_id_linking_atom   . 
_pdbx_modification_feature.modified_residue_id                MET 
_pdbx_modification_feature.ref_pcm_id                         1 
_pdbx_modification_feature.ref_comp_id                        MSE 
_pdbx_modification_feature.type                               Selenomethionine 
_pdbx_modification_feature.category                           'Named protein modification' 
# 
loop_
_struct_mon_prot_cis.pdbx_id 
_struct_mon_prot_cis.label_comp_id 
_struct_mon_prot_cis.label_seq_id 
_struct_mon_prot_cis.label_asym_id 
_struct_mon_prot_cis.label_alt_id 
_struct_mon_prot_cis.pdbx_PDB_ins_code 
_struct_mon_prot_cis.auth_comp_id 
_struct_mon_prot_cis.auth_seq_id 
_struct_mon_prot_cis.auth_asym_id 
_struct_mon_prot_cis.pdbx_label_comp_id_2 
_struct_mon_prot_cis.pdbx_label_seq_id_2 
_struct_mon_prot_cis.pdbx_label_asym_id_2 
_struct_mon_prot_cis.pdbx_PDB_ins_code_2 
_struct_mon_prot_cis.pdbx_auth_comp_id_2 
_struct_mon_prot_cis.pdbx_auth_seq_id_2 
_struct_mon_prot_cis.pdbx_auth_asym_id_2 
_struct_mon_prot_cis.pdbx_PDB_model_num 
_struct_mon_prot_cis.pdbx_omega_angle 
1 ALA 9  A . ? ALA 9  A ALA 10 A ? ALA 10 A 1 3.08  
2 ALA 35 A . ? ALA 35 A GLN 36 A ? GLN 36 A 1 -6.66 
# 
_struct_sheet.id               A 
_struct_sheet.type             ? 
_struct_sheet.number_strands   3 
_struct_sheet.details          ? 
# 
loop_
_struct_sheet_order.sheet_id 
_struct_sheet_order.range_id_1 
_struct_sheet_order.range_id_2 
_struct_sheet_order.offset 
_struct_sheet_order.sense 
A 1 2 ? anti-parallel 
A 2 3 ? anti-parallel 
# 
loop_
_struct_sheet_range.sheet_id 
_struct_sheet_range.id 
_struct_sheet_range.beg_label_comp_id 
_struct_sheet_range.beg_label_asym_id 
_struct_sheet_range.beg_label_seq_id 
_struct_sheet_range.pdbx_beg_PDB_ins_code 
_struct_sheet_range.end_label_comp_id 
_struct_sheet_range.end_label_asym_id 
_struct_sheet_range.end_label_seq_id 
_struct_sheet_range.pdbx_end_PDB_ins_code 
_struct_sheet_range.beg_auth_comp_id 
_struct_sheet_range.beg_auth_asym_id 
_struct_sheet_range.beg_auth_seq_id 
_struct_sheet_range.end_auth_comp_id 
_struct_sheet_range.end_auth_asym_id 
_struct_sheet_range.end_auth_seq_id 
A 1 ARG A 39 ? ALA A 40 ? ARG A 39 ALA A 40 
A 2 ARG A 76 ? ILE A 81 ? ARG A 76 ILE A 81 
A 3 VAL A 68 ? GLU A 73 ? VAL A 68 GLU A 73 
# 
loop_
_pdbx_struct_sheet_hbond.sheet_id 
_pdbx_struct_sheet_hbond.range_id_1 
_pdbx_struct_sheet_hbond.range_id_2 
_pdbx_struct_sheet_hbond.range_1_label_atom_id 
_pdbx_struct_sheet_hbond.range_1_label_comp_id 
_pdbx_struct_sheet_hbond.range_1_label_asym_id 
_pdbx_struct_sheet_hbond.range_1_label_seq_id 
_pdbx_struct_sheet_hbond.range_1_PDB_ins_code 
_pdbx_struct_sheet_hbond.range_1_auth_atom_id 
_pdbx_struct_sheet_hbond.range_1_auth_comp_id 
_pdbx_struct_sheet_hbond.range_1_auth_asym_id 
_pdbx_struct_sheet_hbond.range_1_auth_seq_id 
_pdbx_struct_sheet_hbond.range_2_label_atom_id 
_pdbx_struct_sheet_hbond.range_2_label_comp_id 
_pdbx_struct_sheet_hbond.range_2_label_asym_id 
_pdbx_struct_sheet_hbond.range_2_label_seq_id 
_pdbx_struct_sheet_hbond.range_2_PDB_ins_code 
_pdbx_struct_sheet_hbond.range_2_auth_atom_id 
_pdbx_struct_sheet_hbond.range_2_auth_comp_id 
_pdbx_struct_sheet_hbond.range_2_auth_asym_id 
_pdbx_struct_sheet_hbond.range_2_auth_seq_id 
A 1 2 N ARG A 39 ? N ARG A 39 O TYR A 79 ? O TYR A 79 
A 2 3 O TYR A 78 ? O TYR A 78 N ARG A 71 ? N ARG A 71 
# 
_pdbx_entry_details.entry_id                   3GW2 
_pdbx_entry_details.compound_details           ? 
_pdbx_entry_details.source_details             ? 
_pdbx_entry_details.nonpolymer_details         ? 
_pdbx_entry_details.sequence_details           ? 
_pdbx_entry_details.has_ligand_of_interest     ? 
_pdbx_entry_details.has_protein_modification   Y 
# 
loop_
_pdbx_validate_torsion.id 
_pdbx_validate_torsion.PDB_model_num 
_pdbx_validate_torsion.auth_comp_id 
_pdbx_validate_torsion.auth_asym_id 
_pdbx_validate_torsion.auth_seq_id 
_pdbx_validate_torsion.PDB_ins_code 
_pdbx_validate_torsion.label_alt_id 
_pdbx_validate_torsion.phi 
_pdbx_validate_torsion.psi 
1 1 ALA A 10 ? ? -92.41 38.75 
2 1 ALA A 23 ? ? -82.07 34.30 
# 
_pdbx_SG_project.id                    1 
_pdbx_SG_project.project_name          'PSI, Protein Structure Initiative' 
_pdbx_SG_project.full_name_of_center   'Northeast Structural Genomics Consortium' 
_pdbx_SG_project.initial_of_center     NESG 
# 
_pdbx_struct_mod_residue.id               1 
_pdbx_struct_mod_residue.label_asym_id    A 
_pdbx_struct_mod_residue.label_comp_id    MSE 
_pdbx_struct_mod_residue.label_seq_id     50 
_pdbx_struct_mod_residue.auth_asym_id     A 
_pdbx_struct_mod_residue.auth_comp_id     MSE 
_pdbx_struct_mod_residue.auth_seq_id      50 
_pdbx_struct_mod_residue.PDB_ins_code     ? 
_pdbx_struct_mod_residue.parent_comp_id   MET 
_pdbx_struct_mod_residue.details          SELENOMETHIONINE 
# 
_pdbx_refine_tls.pdbx_refine_id   'X-RAY DIFFRACTION' 
_pdbx_refine_tls.id               1 
_pdbx_refine_tls.details          ? 
_pdbx_refine_tls.method           refined 
_pdbx_refine_tls.origin_x         -0.0353 
_pdbx_refine_tls.origin_y         0.0959 
_pdbx_refine_tls.origin_z         0.2470 
_pdbx_refine_tls.T[1][1]          -0.1321 
_pdbx_refine_tls.T[2][2]          -0.0533 
_pdbx_refine_tls.T[3][3]          -0.0808 
_pdbx_refine_tls.T[1][2]          0.0516 
_pdbx_refine_tls.T[1][3]          -0.1080 
_pdbx_refine_tls.T[2][3]          -0.1179 
_pdbx_refine_tls.L[1][1]          3.3263 
_pdbx_refine_tls.L[2][2]          6.4682 
_pdbx_refine_tls.L[3][3]          7.7074 
_pdbx_refine_tls.L[1][2]          -0.9422 
_pdbx_refine_tls.L[1][3]          -0.4366 
_pdbx_refine_tls.L[2][3]          5.5362 
_pdbx_refine_tls.S[1][1]          0.1642 
_pdbx_refine_tls.S[2][2]          0.4510 
_pdbx_refine_tls.S[3][3]          -0.6152 
_pdbx_refine_tls.S[1][2]          0.2376 
_pdbx_refine_tls.S[1][3]          -0.2700 
_pdbx_refine_tls.S[2][3]          -0.4225 
_pdbx_refine_tls.S[2][1]          0.3509 
_pdbx_refine_tls.S[3][1]          0.5578 
_pdbx_refine_tls.S[3][2]          0.5253 
# 
loop_
_pdbx_refine_tls_group.pdbx_refine_id 
_pdbx_refine_tls_group.id 
_pdbx_refine_tls_group.refine_tls_id 
_pdbx_refine_tls_group.beg_auth_asym_id 
_pdbx_refine_tls_group.beg_auth_seq_id 
_pdbx_refine_tls_group.end_auth_asym_id 
_pdbx_refine_tls_group.end_auth_seq_id 
_pdbx_refine_tls_group.selection_details 
_pdbx_refine_tls_group.beg_label_asym_id 
_pdbx_refine_tls_group.beg_label_seq_id 
_pdbx_refine_tls_group.end_label_asym_id 
_pdbx_refine_tls_group.end_label_seq_id 
_pdbx_refine_tls_group.selection 
'X-RAY DIFFRACTION' 1 1 A 109 A 127 ? . . . . ? 
'X-RAY DIFFRACTION' 2 1 A 7   A 99  ? . . . . ? 
# 
loop_
_pdbx_unobs_or_zero_occ_residues.id 
_pdbx_unobs_or_zero_occ_residues.PDB_model_num 
_pdbx_unobs_or_zero_occ_residues.polymer_flag 
_pdbx_unobs_or_zero_occ_residues.occupancy_flag 
_pdbx_unobs_or_zero_occ_residues.auth_asym_id 
_pdbx_unobs_or_zero_occ_residues.auth_comp_id 
_pdbx_unobs_or_zero_occ_residues.auth_seq_id 
_pdbx_unobs_or_zero_occ_residues.PDB_ins_code 
_pdbx_unobs_or_zero_occ_residues.label_asym_id 
_pdbx_unobs_or_zero_occ_residues.label_comp_id 
_pdbx_unobs_or_zero_occ_residues.label_seq_id 
1  1 Y 1 A MSE 1   ? A MSE 1   
2  1 Y 1 A ALA 2   ? A ALA 2   
3  1 Y 1 A GLY 3   ? A GLY 3   
4  1 Y 1 A GLN 4   ? A GLN 4   
5  1 Y 1 A SER 5   ? A SER 5   
6  1 Y 1 A ASP 6   ? A ASP 6   
7  1 Y 1 A HIS 100 ? A HIS 100 
8  1 Y 1 A LEU 101 ? A LEU 101 
9  1 Y 1 A GLU 102 ? A GLU 102 
10 1 Y 1 A HIS 103 ? A HIS 103 
11 1 Y 1 A HIS 104 ? A HIS 104 
12 1 Y 1 A HIS 105 ? A HIS 105 
13 1 Y 1 A HIS 106 ? A HIS 106 
14 1 Y 1 A HIS 107 ? A HIS 107 
15 1 Y 1 A HIS 108 ? A HIS 108 
# 
loop_
_chem_comp_atom.comp_id 
_chem_comp_atom.atom_id 
_chem_comp_atom.type_symbol 
_chem_comp_atom.pdbx_aromatic_flag 
_chem_comp_atom.pdbx_stereo_config 
_chem_comp_atom.pdbx_ordinal 
ALA N    N  N N 1   
ALA CA   C  N S 2   
ALA C    C  N N 3   
ALA O    O  N N 4   
ALA CB   C  N N 5   
ALA OXT  O  N N 6   
ALA H    H  N N 7   
ALA H2   H  N N 8   
ALA HA   H  N N 9   
ALA HB1  H  N N 10  
ALA HB2  H  N N 11  
ALA HB3  H  N N 12  
ALA HXT  H  N N 13  
ARG N    N  N N 14  
ARG CA   C  N S 15  
ARG C    C  N N 16  
ARG O    O  N N 17  
ARG CB   C  N N 18  
ARG CG   C  N N 19  
ARG CD   C  N N 20  
ARG NE   N  N N 21  
ARG CZ   C  N N 22  
ARG NH1  N  N N 23  
ARG NH2  N  N N 24  
ARG OXT  O  N N 25  
ARG H    H  N N 26  
ARG H2   H  N N 27  
ARG HA   H  N N 28  
ARG HB2  H  N N 29  
ARG HB3  H  N N 30  
ARG HG2  H  N N 31  
ARG HG3  H  N N 32  
ARG HD2  H  N N 33  
ARG HD3  H  N N 34  
ARG HE   H  N N 35  
ARG HH11 H  N N 36  
ARG HH12 H  N N 37  
ARG HH21 H  N N 38  
ARG HH22 H  N N 39  
ARG HXT  H  N N 40  
ASN N    N  N N 41  
ASN CA   C  N S 42  
ASN C    C  N N 43  
ASN O    O  N N 44  
ASN CB   C  N N 45  
ASN CG   C  N N 46  
ASN OD1  O  N N 47  
ASN ND2  N  N N 48  
ASN OXT  O  N N 49  
ASN H    H  N N 50  
ASN H2   H  N N 51  
ASN HA   H  N N 52  
ASN HB2  H  N N 53  
ASN HB3  H  N N 54  
ASN HD21 H  N N 55  
ASN HD22 H  N N 56  
ASN HXT  H  N N 57  
ASP N    N  N N 58  
ASP CA   C  N S 59  
ASP C    C  N N 60  
ASP O    O  N N 61  
ASP CB   C  N N 62  
ASP CG   C  N N 63  
ASP OD1  O  N N 64  
ASP OD2  O  N N 65  
ASP OXT  O  N N 66  
ASP H    H  N N 67  
ASP H2   H  N N 68  
ASP HA   H  N N 69  
ASP HB2  H  N N 70  
ASP HB3  H  N N 71  
ASP HD2  H  N N 72  
ASP HXT  H  N N 73  
GLN N    N  N N 74  
GLN CA   C  N S 75  
GLN C    C  N N 76  
GLN O    O  N N 77  
GLN CB   C  N N 78  
GLN CG   C  N N 79  
GLN CD   C  N N 80  
GLN OE1  O  N N 81  
GLN NE2  N  N N 82  
GLN OXT  O  N N 83  
GLN H    H  N N 84  
GLN H2   H  N N 85  
GLN HA   H  N N 86  
GLN HB2  H  N N 87  
GLN HB3  H  N N 88  
GLN HG2  H  N N 89  
GLN HG3  H  N N 90  
GLN HE21 H  N N 91  
GLN HE22 H  N N 92  
GLN HXT  H  N N 93  
GLU N    N  N N 94  
GLU CA   C  N S 95  
GLU C    C  N N 96  
GLU O    O  N N 97  
GLU CB   C  N N 98  
GLU CG   C  N N 99  
GLU CD   C  N N 100 
GLU OE1  O  N N 101 
GLU OE2  O  N N 102 
GLU OXT  O  N N 103 
GLU H    H  N N 104 
GLU H2   H  N N 105 
GLU HA   H  N N 106 
GLU HB2  H  N N 107 
GLU HB3  H  N N 108 
GLU HG2  H  N N 109 
GLU HG3  H  N N 110 
GLU HE2  H  N N 111 
GLU HXT  H  N N 112 
GLY N    N  N N 113 
GLY CA   C  N N 114 
GLY C    C  N N 115 
GLY O    O  N N 116 
GLY OXT  O  N N 117 
GLY H    H  N N 118 
GLY H2   H  N N 119 
GLY HA2  H  N N 120 
GLY HA3  H  N N 121 
GLY HXT  H  N N 122 
HIS N    N  N N 123 
HIS CA   C  N S 124 
HIS C    C  N N 125 
HIS O    O  N N 126 
HIS CB   C  N N 127 
HIS CG   C  Y N 128 
HIS ND1  N  Y N 129 
HIS CD2  C  Y N 130 
HIS CE1  C  Y N 131 
HIS NE2  N  Y N 132 
HIS OXT  O  N N 133 
HIS H    H  N N 134 
HIS H2   H  N N 135 
HIS HA   H  N N 136 
HIS HB2  H  N N 137 
HIS HB3  H  N N 138 
HIS HD1  H  N N 139 
HIS HD2  H  N N 140 
HIS HE1  H  N N 141 
HIS HE2  H  N N 142 
HIS HXT  H  N N 143 
HOH O    O  N N 144 
HOH H1   H  N N 145 
HOH H2   H  N N 146 
ILE N    N  N N 147 
ILE CA   C  N S 148 
ILE C    C  N N 149 
ILE O    O  N N 150 
ILE CB   C  N S 151 
ILE CG1  C  N N 152 
ILE CG2  C  N N 153 
ILE CD1  C  N N 154 
ILE OXT  O  N N 155 
ILE H    H  N N 156 
ILE H2   H  N N 157 
ILE HA   H  N N 158 
ILE HB   H  N N 159 
ILE HG12 H  N N 160 
ILE HG13 H  N N 161 
ILE HG21 H  N N 162 
ILE HG22 H  N N 163 
ILE HG23 H  N N 164 
ILE HD11 H  N N 165 
ILE HD12 H  N N 166 
ILE HD13 H  N N 167 
ILE HXT  H  N N 168 
LEU N    N  N N 169 
LEU CA   C  N S 170 
LEU C    C  N N 171 
LEU O    O  N N 172 
LEU CB   C  N N 173 
LEU CG   C  N N 174 
LEU CD1  C  N N 175 
LEU CD2  C  N N 176 
LEU OXT  O  N N 177 
LEU H    H  N N 178 
LEU H2   H  N N 179 
LEU HA   H  N N 180 
LEU HB2  H  N N 181 
LEU HB3  H  N N 182 
LEU HG   H  N N 183 
LEU HD11 H  N N 184 
LEU HD12 H  N N 185 
LEU HD13 H  N N 186 
LEU HD21 H  N N 187 
LEU HD22 H  N N 188 
LEU HD23 H  N N 189 
LEU HXT  H  N N 190 
LYS N    N  N N 191 
LYS CA   C  N S 192 
LYS C    C  N N 193 
LYS O    O  N N 194 
LYS CB   C  N N 195 
LYS CG   C  N N 196 
LYS CD   C  N N 197 
LYS CE   C  N N 198 
LYS NZ   N  N N 199 
LYS OXT  O  N N 200 
LYS H    H  N N 201 
LYS H2   H  N N 202 
LYS HA   H  N N 203 
LYS HB2  H  N N 204 
LYS HB3  H  N N 205 
LYS HG2  H  N N 206 
LYS HG3  H  N N 207 
LYS HD2  H  N N 208 
LYS HD3  H  N N 209 
LYS HE2  H  N N 210 
LYS HE3  H  N N 211 
LYS HZ1  H  N N 212 
LYS HZ2  H  N N 213 
LYS HZ3  H  N N 214 
LYS HXT  H  N N 215 
MSE N    N  N N 216 
MSE CA   C  N S 217 
MSE C    C  N N 218 
MSE O    O  N N 219 
MSE OXT  O  N N 220 
MSE CB   C  N N 221 
MSE CG   C  N N 222 
MSE SE   SE N N 223 
MSE CE   C  N N 224 
MSE H    H  N N 225 
MSE H2   H  N N 226 
MSE HA   H  N N 227 
MSE HXT  H  N N 228 
MSE HB2  H  N N 229 
MSE HB3  H  N N 230 
MSE HG2  H  N N 231 
MSE HG3  H  N N 232 
MSE HE1  H  N N 233 
MSE HE2  H  N N 234 
MSE HE3  H  N N 235 
PHE N    N  N N 236 
PHE CA   C  N S 237 
PHE C    C  N N 238 
PHE O    O  N N 239 
PHE CB   C  N N 240 
PHE CG   C  Y N 241 
PHE CD1  C  Y N 242 
PHE CD2  C  Y N 243 
PHE CE1  C  Y N 244 
PHE CE2  C  Y N 245 
PHE CZ   C  Y N 246 
PHE OXT  O  N N 247 
PHE H    H  N N 248 
PHE H2   H  N N 249 
PHE HA   H  N N 250 
PHE HB2  H  N N 251 
PHE HB3  H  N N 252 
PHE HD1  H  N N 253 
PHE HD2  H  N N 254 
PHE HE1  H  N N 255 
PHE HE2  H  N N 256 
PHE HZ   H  N N 257 
PHE HXT  H  N N 258 
SER N    N  N N 259 
SER CA   C  N S 260 
SER C    C  N N 261 
SER O    O  N N 262 
SER CB   C  N N 263 
SER OG   O  N N 264 
SER OXT  O  N N 265 
SER H    H  N N 266 
SER H2   H  N N 267 
SER HA   H  N N 268 
SER HB2  H  N N 269 
SER HB3  H  N N 270 
SER HG   H  N N 271 
SER HXT  H  N N 272 
THR N    N  N N 273 
THR CA   C  N S 274 
THR C    C  N N 275 
THR O    O  N N 276 
THR CB   C  N R 277 
THR OG1  O  N N 278 
THR CG2  C  N N 279 
THR OXT  O  N N 280 
THR H    H  N N 281 
THR H2   H  N N 282 
THR HA   H  N N 283 
THR HB   H  N N 284 
THR HG1  H  N N 285 
THR HG21 H  N N 286 
THR HG22 H  N N 287 
THR HG23 H  N N 288 
THR HXT  H  N N 289 
TYR N    N  N N 290 
TYR CA   C  N S 291 
TYR C    C  N N 292 
TYR O    O  N N 293 
TYR CB   C  N N 294 
TYR CG   C  Y N 295 
TYR CD1  C  Y N 296 
TYR CD2  C  Y N 297 
TYR CE1  C  Y N 298 
TYR CE2  C  Y N 299 
TYR CZ   C  Y N 300 
TYR OH   O  N N 301 
TYR OXT  O  N N 302 
TYR H    H  N N 303 
TYR H2   H  N N 304 
TYR HA   H  N N 305 
TYR HB2  H  N N 306 
TYR HB3  H  N N 307 
TYR HD1  H  N N 308 
TYR HD2  H  N N 309 
TYR HE1  H  N N 310 
TYR HE2  H  N N 311 
TYR HH   H  N N 312 
TYR HXT  H  N N 313 
VAL N    N  N N 314 
VAL CA   C  N S 315 
VAL C    C  N N 316 
VAL O    O  N N 317 
VAL CB   C  N N 318 
VAL CG1  C  N N 319 
VAL CG2  C  N N 320 
VAL OXT  O  N N 321 
VAL H    H  N N 322 
VAL H2   H  N N 323 
VAL HA   H  N N 324 
VAL HB   H  N N 325 
VAL HG11 H  N N 326 
VAL HG12 H  N N 327 
VAL HG13 H  N N 328 
VAL HG21 H  N N 329 
VAL HG22 H  N N 330 
VAL HG23 H  N N 331 
VAL HXT  H  N N 332 
# 
loop_
_chem_comp_bond.comp_id 
_chem_comp_bond.atom_id_1 
_chem_comp_bond.atom_id_2 
_chem_comp_bond.value_order 
_chem_comp_bond.pdbx_aromatic_flag 
_chem_comp_bond.pdbx_stereo_config 
_chem_comp_bond.pdbx_ordinal 
ALA N   CA   sing N N 1   
ALA N   H    sing N N 2   
ALA N   H2   sing N N 3   
ALA CA  C    sing N N 4   
ALA CA  CB   sing N N 5   
ALA CA  HA   sing N N 6   
ALA C   O    doub N N 7   
ALA C   OXT  sing N N 8   
ALA CB  HB1  sing N N 9   
ALA CB  HB2  sing N N 10  
ALA CB  HB3  sing N N 11  
ALA OXT HXT  sing N N 12  
ARG N   CA   sing N N 13  
ARG N   H    sing N N 14  
ARG N   H2   sing N N 15  
ARG CA  C    sing N N 16  
ARG CA  CB   sing N N 17  
ARG CA  HA   sing N N 18  
ARG C   O    doub N N 19  
ARG C   OXT  sing N N 20  
ARG CB  CG   sing N N 21  
ARG CB  HB2  sing N N 22  
ARG CB  HB3  sing N N 23  
ARG CG  CD   sing N N 24  
ARG CG  HG2  sing N N 25  
ARG CG  HG3  sing N N 26  
ARG CD  NE   sing N N 27  
ARG CD  HD2  sing N N 28  
ARG CD  HD3  sing N N 29  
ARG NE  CZ   sing N N 30  
ARG NE  HE   sing N N 31  
ARG CZ  NH1  sing N N 32  
ARG CZ  NH2  doub N N 33  
ARG NH1 HH11 sing N N 34  
ARG NH1 HH12 sing N N 35  
ARG NH2 HH21 sing N N 36  
ARG NH2 HH22 sing N N 37  
ARG OXT HXT  sing N N 38  
ASN N   CA   sing N N 39  
ASN N   H    sing N N 40  
ASN N   H2   sing N N 41  
ASN CA  C    sing N N 42  
ASN CA  CB   sing N N 43  
ASN CA  HA   sing N N 44  
ASN C   O    doub N N 45  
ASN C   OXT  sing N N 46  
ASN CB  CG   sing N N 47  
ASN CB  HB2  sing N N 48  
ASN CB  HB3  sing N N 49  
ASN CG  OD1  doub N N 50  
ASN CG  ND2  sing N N 51  
ASN ND2 HD21 sing N N 52  
ASN ND2 HD22 sing N N 53  
ASN OXT HXT  sing N N 54  
ASP N   CA   sing N N 55  
ASP N   H    sing N N 56  
ASP N   H2   sing N N 57  
ASP CA  C    sing N N 58  
ASP CA  CB   sing N N 59  
ASP CA  HA   sing N N 60  
ASP C   O    doub N N 61  
ASP C   OXT  sing N N 62  
ASP CB  CG   sing N N 63  
ASP CB  HB2  sing N N 64  
ASP CB  HB3  sing N N 65  
ASP CG  OD1  doub N N 66  
ASP CG  OD2  sing N N 67  
ASP OD2 HD2  sing N N 68  
ASP OXT HXT  sing N N 69  
GLN N   CA   sing N N 70  
GLN N   H    sing N N 71  
GLN N   H2   sing N N 72  
GLN CA  C    sing N N 73  
GLN CA  CB   sing N N 74  
GLN CA  HA   sing N N 75  
GLN C   O    doub N N 76  
GLN C   OXT  sing N N 77  
GLN CB  CG   sing N N 78  
GLN CB  HB2  sing N N 79  
GLN CB  HB3  sing N N 80  
GLN CG  CD   sing N N 81  
GLN CG  HG2  sing N N 82  
GLN CG  HG3  sing N N 83  
GLN CD  OE1  doub N N 84  
GLN CD  NE2  sing N N 85  
GLN NE2 HE21 sing N N 86  
GLN NE2 HE22 sing N N 87  
GLN OXT HXT  sing N N 88  
GLU N   CA   sing N N 89  
GLU N   H    sing N N 90  
GLU N   H2   sing N N 91  
GLU CA  C    sing N N 92  
GLU CA  CB   sing N N 93  
GLU CA  HA   sing N N 94  
GLU C   O    doub N N 95  
GLU C   OXT  sing N N 96  
GLU CB  CG   sing N N 97  
GLU CB  HB2  sing N N 98  
GLU CB  HB3  sing N N 99  
GLU CG  CD   sing N N 100 
GLU CG  HG2  sing N N 101 
GLU CG  HG3  sing N N 102 
GLU CD  OE1  doub N N 103 
GLU CD  OE2  sing N N 104 
GLU OE2 HE2  sing N N 105 
GLU OXT HXT  sing N N 106 
GLY N   CA   sing N N 107 
GLY N   H    sing N N 108 
GLY N   H2   sing N N 109 
GLY CA  C    sing N N 110 
GLY CA  HA2  sing N N 111 
GLY CA  HA3  sing N N 112 
GLY C   O    doub N N 113 
GLY C   OXT  sing N N 114 
GLY OXT HXT  sing N N 115 
HIS N   CA   sing N N 116 
HIS N   H    sing N N 117 
HIS N   H2   sing N N 118 
HIS CA  C    sing N N 119 
HIS CA  CB   sing N N 120 
HIS CA  HA   sing N N 121 
HIS C   O    doub N N 122 
HIS C   OXT  sing N N 123 
HIS CB  CG   sing N N 124 
HIS CB  HB2  sing N N 125 
HIS CB  HB3  sing N N 126 
HIS CG  ND1  sing Y N 127 
HIS CG  CD2  doub Y N 128 
HIS ND1 CE1  doub Y N 129 
HIS ND1 HD1  sing N N 130 
HIS CD2 NE2  sing Y N 131 
HIS CD2 HD2  sing N N 132 
HIS CE1 NE2  sing Y N 133 
HIS CE1 HE1  sing N N 134 
HIS NE2 HE2  sing N N 135 
HIS OXT HXT  sing N N 136 
HOH O   H1   sing N N 137 
HOH O   H2   sing N N 138 
ILE N   CA   sing N N 139 
ILE N   H    sing N N 140 
ILE N   H2   sing N N 141 
ILE CA  C    sing N N 142 
ILE CA  CB   sing N N 143 
ILE CA  HA   sing N N 144 
ILE C   O    doub N N 145 
ILE C   OXT  sing N N 146 
ILE CB  CG1  sing N N 147 
ILE CB  CG2  sing N N 148 
ILE CB  HB   sing N N 149 
ILE CG1 CD1  sing N N 150 
ILE CG1 HG12 sing N N 151 
ILE CG1 HG13 sing N N 152 
ILE CG2 HG21 sing N N 153 
ILE CG2 HG22 sing N N 154 
ILE CG2 HG23 sing N N 155 
ILE CD1 HD11 sing N N 156 
ILE CD1 HD12 sing N N 157 
ILE CD1 HD13 sing N N 158 
ILE OXT HXT  sing N N 159 
LEU N   CA   sing N N 160 
LEU N   H    sing N N 161 
LEU N   H2   sing N N 162 
LEU CA  C    sing N N 163 
LEU CA  CB   sing N N 164 
LEU CA  HA   sing N N 165 
LEU C   O    doub N N 166 
LEU C   OXT  sing N N 167 
LEU CB  CG   sing N N 168 
LEU CB  HB2  sing N N 169 
LEU CB  HB3  sing N N 170 
LEU CG  CD1  sing N N 171 
LEU CG  CD2  sing N N 172 
LEU CG  HG   sing N N 173 
LEU CD1 HD11 sing N N 174 
LEU CD1 HD12 sing N N 175 
LEU CD1 HD13 sing N N 176 
LEU CD2 HD21 sing N N 177 
LEU CD2 HD22 sing N N 178 
LEU CD2 HD23 sing N N 179 
LEU OXT HXT  sing N N 180 
LYS N   CA   sing N N 181 
LYS N   H    sing N N 182 
LYS N   H2   sing N N 183 
LYS CA  C    sing N N 184 
LYS CA  CB   sing N N 185 
LYS CA  HA   sing N N 186 
LYS C   O    doub N N 187 
LYS C   OXT  sing N N 188 
LYS CB  CG   sing N N 189 
LYS CB  HB2  sing N N 190 
LYS CB  HB3  sing N N 191 
LYS CG  CD   sing N N 192 
LYS CG  HG2  sing N N 193 
LYS CG  HG3  sing N N 194 
LYS CD  CE   sing N N 195 
LYS CD  HD2  sing N N 196 
LYS CD  HD3  sing N N 197 
LYS CE  NZ   sing N N 198 
LYS CE  HE2  sing N N 199 
LYS CE  HE3  sing N N 200 
LYS NZ  HZ1  sing N N 201 
LYS NZ  HZ2  sing N N 202 
LYS NZ  HZ3  sing N N 203 
LYS OXT HXT  sing N N 204 
MSE N   CA   sing N N 205 
MSE N   H    sing N N 206 
MSE N   H2   sing N N 207 
MSE CA  C    sing N N 208 
MSE CA  CB   sing N N 209 
MSE CA  HA   sing N N 210 
MSE C   O    doub N N 211 
MSE C   OXT  sing N N 212 
MSE OXT HXT  sing N N 213 
MSE CB  CG   sing N N 214 
MSE CB  HB2  sing N N 215 
MSE CB  HB3  sing N N 216 
MSE CG  SE   sing N N 217 
MSE CG  HG2  sing N N 218 
MSE CG  HG3  sing N N 219 
MSE SE  CE   sing N N 220 
MSE CE  HE1  sing N N 221 
MSE CE  HE2  sing N N 222 
MSE CE  HE3  sing N N 223 
PHE N   CA   sing N N 224 
PHE N   H    sing N N 225 
PHE N   H2   sing N N 226 
PHE CA  C    sing N N 227 
PHE CA  CB   sing N N 228 
PHE CA  HA   sing N N 229 
PHE C   O    doub N N 230 
PHE C   OXT  sing N N 231 
PHE CB  CG   sing N N 232 
PHE CB  HB2  sing N N 233 
PHE CB  HB3  sing N N 234 
PHE CG  CD1  doub Y N 235 
PHE CG  CD2  sing Y N 236 
PHE CD1 CE1  sing Y N 237 
PHE CD1 HD1  sing N N 238 
PHE CD2 CE2  doub Y N 239 
PHE CD2 HD2  sing N N 240 
PHE CE1 CZ   doub Y N 241 
PHE CE1 HE1  sing N N 242 
PHE CE2 CZ   sing Y N 243 
PHE CE2 HE2  sing N N 244 
PHE CZ  HZ   sing N N 245 
PHE OXT HXT  sing N N 246 
SER N   CA   sing N N 247 
SER N   H    sing N N 248 
SER N   H2   sing N N 249 
SER CA  C    sing N N 250 
SER CA  CB   sing N N 251 
SER CA  HA   sing N N 252 
SER C   O    doub N N 253 
SER C   OXT  sing N N 254 
SER CB  OG   sing N N 255 
SER CB  HB2  sing N N 256 
SER CB  HB3  sing N N 257 
SER OG  HG   sing N N 258 
SER OXT HXT  sing N N 259 
THR N   CA   sing N N 260 
THR N   H    sing N N 261 
THR N   H2   sing N N 262 
THR CA  C    sing N N 263 
THR CA  CB   sing N N 264 
THR CA  HA   sing N N 265 
THR C   O    doub N N 266 
THR C   OXT  sing N N 267 
THR CB  OG1  sing N N 268 
THR CB  CG2  sing N N 269 
THR CB  HB   sing N N 270 
THR OG1 HG1  sing N N 271 
THR CG2 HG21 sing N N 272 
THR CG2 HG22 sing N N 273 
THR CG2 HG23 sing N N 274 
THR OXT HXT  sing N N 275 
TYR N   CA   sing N N 276 
TYR N   H    sing N N 277 
TYR N   H2   sing N N 278 
TYR CA  C    sing N N 279 
TYR CA  CB   sing N N 280 
TYR CA  HA   sing N N 281 
TYR C   O    doub N N 282 
TYR C   OXT  sing N N 283 
TYR CB  CG   sing N N 284 
TYR CB  HB2  sing N N 285 
TYR CB  HB3  sing N N 286 
TYR CG  CD1  doub Y N 287 
TYR CG  CD2  sing Y N 288 
TYR CD1 CE1  sing Y N 289 
TYR CD1 HD1  sing N N 290 
TYR CD2 CE2  doub Y N 291 
TYR CD2 HD2  sing N N 292 
TYR CE1 CZ   doub Y N 293 
TYR CE1 HE1  sing N N 294 
TYR CE2 CZ   sing Y N 295 
TYR CE2 HE2  sing N N 296 
TYR CZ  OH   sing N N 297 
TYR OH  HH   sing N N 298 
TYR OXT HXT  sing N N 299 
VAL N   CA   sing N N 300 
VAL N   H    sing N N 301 
VAL N   H2   sing N N 302 
VAL CA  C    sing N N 303 
VAL CA  CB   sing N N 304 
VAL CA  HA   sing N N 305 
VAL C   O    doub N N 306 
VAL C   OXT  sing N N 307 
VAL CB  CG1  sing N N 308 
VAL CB  CG2  sing N N 309 
VAL CB  HB   sing N N 310 
VAL CG1 HG11 sing N N 311 
VAL CG1 HG12 sing N N 312 
VAL CG1 HG13 sing N N 313 
VAL CG2 HG21 sing N N 314 
VAL CG2 HG22 sing N N 315 
VAL CG2 HG23 sing N N 316 
VAL OXT HXT  sing N N 317 
# 
_atom_sites.entry_id                    3GW2 
_atom_sites.fract_transf_matrix[1][1]   0.00294668 
_atom_sites.fract_transf_matrix[1][2]   0.01159949 
_atom_sites.fract_transf_matrix[1][3]   -0.00417799 
_atom_sites.fract_transf_matrix[2][1]   0.00013100 
_atom_sites.fract_transf_matrix[2][2]   0.00241077 
_atom_sites.fract_transf_matrix[2][3]   -0.01244395 
_atom_sites.fract_transf_matrix[3][1]   -0.01545561 
_atom_sites.fract_transf_matrix[3][2]   0.00415779 
_atom_sites.fract_transf_matrix[3][3]   0.00064278 
_atom_sites.fract_transf_vector[1]      0.509762 
_atom_sites.fract_transf_vector[2]      0.380623 
_atom_sites.fract_transf_vector[3]      0.456557 
# 
loop_
_atom_type.symbol 
C  
N  
O  
SE 
# 
loop_
_atom_site.group_PDB 
_atom_site.id 
_atom_site.type_symbol 
_atom_site.label_atom_id 
_atom_site.label_alt_id 
_atom_site.label_comp_id 
_atom_site.label_asym_id 
_atom_site.label_entity_id 
_atom_site.label_seq_id 
_atom_site.pdbx_PDB_ins_code 
_atom_site.Cartn_x 
_atom_site.Cartn_y 
_atom_site.Cartn_z 
_atom_site.occupancy 
_atom_site.B_iso_or_equiv 
_atom_site.pdbx_formal_charge 
_atom_site.auth_seq_id 
_atom_site.auth_comp_id 
_atom_site.auth_asym_id 
_atom_site.auth_atom_id 
_atom_site.pdbx_PDB_model_num 
ATOM   1   N  N   . ARG A 1 7  ? -3.693  -26.453 -11.797 1.00 55.02 ? 7   ARG A N   1 
ATOM   2   C  CA  . ARG A 1 7  ? -4.310  -25.124 -12.079 1.00 55.01 ? 7   ARG A CA  1 
ATOM   3   C  C   . ARG A 1 7  ? -3.477  -23.980 -11.485 1.00 54.88 ? 7   ARG A C   1 
ATOM   4   O  O   . ARG A 1 7  ? -2.645  -24.202 -10.599 1.00 55.02 ? 7   ARG A O   1 
ATOM   5   C  CB  . ARG A 1 7  ? -5.757  -25.084 -11.560 1.00 55.08 ? 7   ARG A CB  1 
ATOM   6   C  CG  . ARG A 1 7  ? -5.904  -24.745 -10.069 1.00 55.27 ? 7   ARG A CG  1 
ATOM   7   C  CD  . ARG A 1 7  ? -7.334  -24.929 -9.584  1.00 55.12 ? 7   ARG A CD  1 
ATOM   8   N  NE  . ARG A 1 7  ? -7.668  -26.342 -9.404  1.00 55.14 ? 7   ARG A NE  1 
ATOM   9   C  CZ  . ARG A 1 7  ? -7.513  -27.014 -8.266  1.00 55.09 ? 7   ARG A CZ  1 
ATOM   10  N  NH1 . ARG A 1 7  ? -7.028  -26.408 -7.187  1.00 55.22 ? 7   ARG A NH1 1 
ATOM   11  N  NH2 . ARG A 1 7  ? -7.846  -28.298 -8.204  1.00 54.67 ? 7   ARG A NH2 1 
ATOM   12  N  N   . LYS A 1 8  ? -3.716  -22.763 -11.975 1.00 54.58 ? 8   LYS A N   1 
ATOM   13  C  CA  . LYS A 1 8  ? -2.995  -21.564 -11.532 1.00 54.03 ? 8   LYS A CA  1 
ATOM   14  C  C   . LYS A 1 8  ? -3.668  -20.882 -10.346 1.00 53.60 ? 8   LYS A C   1 
ATOM   15  O  O   . LYS A 1 8  ? -2.986  -20.311 -9.494  1.00 53.71 ? 8   LYS A O   1 
ATOM   16  C  CB  . LYS A 1 8  ? -2.876  -20.554 -12.677 1.00 54.11 ? 8   LYS A CB  1 
ATOM   17  C  CG  . LYS A 1 8  ? -1.921  -20.942 -13.804 1.00 54.67 ? 8   LYS A CG  1 
ATOM   18  C  CD  . LYS A 1 8  ? -2.602  -20.865 -15.186 1.00 55.73 ? 8   LYS A CD  1 
ATOM   19  C  CE  . LYS A 1 8  ? -3.525  -19.644 -15.317 1.00 55.37 ? 8   LYS A CE  1 
ATOM   20  N  NZ  . LYS A 1 8  ? -4.238  -19.552 -16.617 1.00 54.80 ? 8   LYS A NZ  1 
ATOM   21  N  N   . ALA A 1 9  ? -5.000  -20.921 -10.310 1.00 52.95 ? 9   ALA A N   1 
ATOM   22  C  CA  . ALA A 1 9  ? -5.787  -20.274 -9.249  1.00 52.20 ? 9   ALA A CA  1 
ATOM   23  C  C   . ALA A 1 9  ? -5.717  -21.065 -7.927  1.00 51.58 ? 9   ALA A C   1 
ATOM   24  O  O   . ALA A 1 9  ? -5.359  -22.251 -7.939  1.00 51.59 ? 9   ALA A O   1 
ATOM   25  C  CB  . ALA A 1 9  ? -7.237  -20.094 -9.703  1.00 52.36 ? 9   ALA A CB  1 
ATOM   26  N  N   . ALA A 1 10 ? -6.054  -20.442 -6.793  1.00 50.50 ? 10  ALA A N   1 
ATOM   27  C  CA  . ALA A 1 10 ? -6.553  -19.061 -6.709  1.00 49.47 ? 10  ALA A CA  1 
ATOM   28  C  C   . ALA A 1 10 ? -5.438  -18.033 -6.481  1.00 48.56 ? 10  ALA A C   1 
ATOM   29  O  O   . ALA A 1 10 ? -5.606  -17.065 -5.736  1.00 48.50 ? 10  ALA A O   1 
ATOM   30  C  CB  . ALA A 1 10 ? -7.630  -18.950 -5.624  1.00 49.45 ? 10  ALA A CB  1 
ATOM   31  N  N   . LEU A 1 11 ? -4.302  -18.259 -7.138  1.00 47.57 ? 11  LEU A N   1 
ATOM   32  C  CA  . LEU A 1 11 ? -3.203  -17.306 -7.173  1.00 46.55 ? 11  LEU A CA  1 
ATOM   33  C  C   . LEU A 1 11 ? -3.620  -16.074 -7.972  1.00 45.83 ? 11  LEU A C   1 
ATOM   34  O  O   . LEU A 1 11 ? -3.250  -14.951 -7.629  1.00 45.72 ? 11  LEU A O   1 
ATOM   35  C  CB  . LEU A 1 11 ? -1.965  -17.956 -7.800  1.00 46.51 ? 11  LEU A CB  1 
ATOM   36  C  CG  . LEU A 1 11 ? -0.628  -17.210 -7.870  1.00 46.47 ? 11  LEU A CG  1 
ATOM   37  C  CD1 . LEU A 1 11 ? -0.034  -17.036 -6.487  1.00 46.41 ? 11  LEU A CD1 1 
ATOM   38  C  CD2 . LEU A 1 11 ? 0.340   -17.971 -8.766  1.00 46.70 ? 11  LEU A CD2 1 
ATOM   39  N  N   . LEU A 1 12 ? -4.413  -16.298 -9.023  1.00 44.95 ? 12  LEU A N   1 
ATOM   40  C  CA  . LEU A 1 12 ? -4.845  -15.226 -9.923  1.00 43.91 ? 12  LEU A CA  1 
ATOM   41  C  C   . LEU A 1 12 ? -5.886  -14.295 -9.309  1.00 43.61 ? 12  LEU A C   1 
ATOM   42  O  O   . LEU A 1 12 ? -5.895  -13.091 -9.584  1.00 43.58 ? 12  LEU A O   1 
ATOM   43  C  CB  . LEU A 1 12 ? -5.318  -15.792 -11.270 1.00 43.67 ? 12  LEU A CB  1 
ATOM   44  C  CG  . LEU A 1 12 ? -4.253  -16.516 -12.097 1.00 42.72 ? 12  LEU A CG  1 
ATOM   45  C  CD1 . LEU A 1 12 ? -4.789  -16.852 -13.483 1.00 42.03 ? 12  LEU A CD1 1 
ATOM   46  C  CD2 . LEU A 1 12 ? -2.953  -15.709 -12.197 1.00 41.25 ? 12  LEU A CD2 1 
ATOM   47  N  N   . ASP A 1 13 ? -6.744  -14.840 -8.455  1.00 43.35 ? 13  ASP A N   1 
ATOM   48  C  CA  . ASP A 1 13 ? -7.676  -14.010 -7.687  1.00 42.88 ? 13  ASP A CA  1 
ATOM   49  C  C   . ASP A 1 13 ? -6.960  -13.093 -6.700  1.00 42.44 ? 13  ASP A C   1 
ATOM   50  O  O   . ASP A 1 13 ? -7.429  -11.980 -6.440  1.00 42.78 ? 13  ASP A O   1 
ATOM   51  C  CB  . ASP A 1 13 ? -8.721  -14.872 -6.980  1.00 43.15 ? 13  ASP A CB  1 
ATOM   52  C  CG  . ASP A 1 13 ? -9.739  -15.448 -7.945  1.00 44.02 ? 13  ASP A CG  1 
ATOM   53  O  OD1 . ASP A 1 13 ? -10.314 -14.663 -8.730  1.00 44.66 ? 13  ASP A OD1 1 
ATOM   54  O  OD2 . ASP A 1 13 ? -9.967  -16.681 -7.924  1.00 45.57 ? 13  ASP A OD2 1 
ATOM   55  N  N   . GLN A 1 14 ? -5.825  -13.545 -6.160  1.00 41.48 ? 14  GLN A N   1 
ATOM   56  C  CA  . GLN A 1 14 ? -5.009  -12.679 -5.295  1.00 40.40 ? 14  GLN A CA  1 
ATOM   57  C  C   . GLN A 1 14 ? -4.181  -11.670 -6.098  1.00 39.34 ? 14  GLN A C   1 
ATOM   58  O  O   . GLN A 1 14 ? -3.966  -10.550 -5.640  1.00 39.17 ? 14  GLN A O   1 
ATOM   59  C  CB  . GLN A 1 14 ? -4.120  -13.492 -4.336  1.00 40.81 ? 14  GLN A CB  1 
ATOM   60  C  CG  . GLN A 1 14 ? -3.177  -12.644 -3.411  1.00 41.39 ? 14  GLN A CG  1 
ATOM   61  C  CD  . GLN A 1 14 ? -3.888  -11.735 -2.407  1.00 41.79 ? 14  GLN A CD  1 
ATOM   62  O  OE1 . GLN A 1 14 ? -5.065  -11.904 -2.107  1.00 42.98 ? 14  GLN A OE1 1 
ATOM   63  N  NE2 . GLN A 1 14 ? -3.158  -10.766 -1.879  1.00 42.64 ? 14  GLN A NE2 1 
ATOM   64  N  N   . VAL A 1 15 ? -3.721  -12.058 -7.289  1.00 38.04 ? 15  VAL A N   1 
ATOM   65  C  CA  . VAL A 1 15 ? -3.058  -11.103 -8.175  1.00 36.65 ? 15  VAL A CA  1 
ATOM   66  C  C   . VAL A 1 15 ? -4.065  -10.019 -8.514  1.00 36.05 ? 15  VAL A C   1 
ATOM   67  O  O   . VAL A 1 15 ? -3.716  -8.841  -8.572  1.00 35.23 ? 15  VAL A O   1 
ATOM   68  C  CB  . VAL A 1 15 ? -2.511  -11.753 -9.483  1.00 37.06 ? 15  VAL A CB  1 
ATOM   69  C  CG1 . VAL A 1 15 ? -2.063  -10.679 -10.469 1.00 36.51 ? 15  VAL A CG1 1 
ATOM   70  C  CG2 . VAL A 1 15 ? -1.358  -12.706 -9.196  1.00 36.13 ? 15  VAL A CG2 1 
ATOM   71  N  N   . ALA A 1 16 ? -5.320  -10.428 -8.729  1.00 35.89 ? 16  ALA A N   1 
ATOM   72  C  CA  . ALA A 1 16 ? -6.423  -9.489  -8.952  1.00 36.00 ? 16  ALA A CA  1 
ATOM   73  C  C   . ALA A 1 16 ? -6.553  -8.513  -7.772  1.00 36.31 ? 16  ALA A C   1 
ATOM   74  O  O   . ALA A 1 16 ? -6.744  -7.303  -7.978  1.00 36.35 ? 16  ALA A O   1 
ATOM   75  C  CB  . ALA A 1 16 ? -7.734  -10.237 -9.202  1.00 36.07 ? 16  ALA A CB  1 
ATOM   76  N  N   . ARG A 1 17 ? -6.410  -9.030  -6.548  1.00 36.30 ? 17  ARG A N   1 
ATOM   77  C  CA  . ARG A 1 17 ? -6.413  -8.177  -5.343  1.00 36.81 ? 17  ARG A CA  1 
ATOM   78  C  C   . ARG A 1 17 ? -5.206  -7.240  -5.318  1.00 36.05 ? 17  ARG A C   1 
ATOM   79  O  O   . ARG A 1 17 ? -5.333  -6.083  -4.943  1.00 35.82 ? 17  ARG A O   1 
ATOM   80  C  CB  . ARG A 1 17 ? -6.505  -9.017  -4.060  1.00 36.68 ? 17  ARG A CB  1 
ATOM   81  C  CG  . ARG A 1 17 ? -7.814  -9.802  -3.951  1.00 38.16 ? 17  ARG A CG  1 
ATOM   82  C  CD  . ARG A 1 17 ? -7.958  -10.575 -2.634  1.00 38.87 ? 17  ARG A CD  1 
ATOM   83  N  NE  . ARG A 1 17 ? -8.867  -11.715 -2.786  1.00 41.60 ? 17  ARG A NE  1 
ATOM   84  C  CZ  . ARG A 1 17 ? -8.479  -12.988 -2.845  1.00 43.63 ? 17  ARG A CZ  1 
ATOM   85  N  NH1 . ARG A 1 17 ? -7.190  -13.296 -2.746  1.00 44.63 ? 17  ARG A NH1 1 
ATOM   86  N  NH2 . ARG A 1 17 ? -9.378  -13.963 -2.994  1.00 44.68 ? 17  ARG A NH2 1 
ATOM   87  N  N   . VAL A 1 18 ? -4.043  -7.728  -5.761  1.00 35.97 ? 18  VAL A N   1 
ATOM   88  C  CA  . VAL A 1 18 ? -2.867  -6.861  -5.924  1.00 35.61 ? 18  VAL A CA  1 
ATOM   89  C  C   . VAL A 1 18 ? -3.171  -5.724  -6.902  1.00 36.02 ? 18  VAL A C   1 
ATOM   90  O  O   . VAL A 1 18 ? -2.940  -4.552  -6.592  1.00 35.92 ? 18  VAL A O   1 
ATOM   91  C  CB  . VAL A 1 18 ? -1.608  -7.643  -6.390  1.00 35.73 ? 18  VAL A CB  1 
ATOM   92  C  CG1 . VAL A 1 18 ? -0.446  -6.697  -6.626  1.00 34.84 ? 18  VAL A CG1 1 
ATOM   93  C  CG2 . VAL A 1 18 ? -1.229  -8.710  -5.382  1.00 34.89 ? 18  VAL A CG2 1 
ATOM   94  N  N   . GLY A 1 19 ? -3.701  -6.077  -8.075  1.00 36.37 ? 19  GLY A N   1 
ATOM   95  C  CA  . GLY A 1 19 ? -4.100  -5.094  -9.067  1.00 37.21 ? 19  GLY A CA  1 
ATOM   96  C  C   . GLY A 1 19 ? -5.120  -4.092  -8.552  1.00 38.21 ? 19  GLY A C   1 
ATOM   97  O  O   . GLY A 1 19 ? -4.991  -2.890  -8.788  1.00 37.92 ? 19  GLY A O   1 
ATOM   98  N  N   . LYS A 1 20 ? -6.137  -4.593  -7.854  1.00 38.96 ? 20  LYS A N   1 
ATOM   99  C  CA  . LYS A 1 20 ? -7.149  -3.740  -7.226  1.00 40.50 ? 20  LYS A CA  1 
ATOM   100 C  C   . LYS A 1 20 ? -6.500  -2.739  -6.277  1.00 40.38 ? 20  LYS A C   1 
ATOM   101 O  O   . LYS A 1 20 ? -6.824  -1.558  -6.320  1.00 41.26 ? 20  LYS A O   1 
ATOM   102 C  CB  . LYS A 1 20 ? -8.189  -4.593  -6.490  1.00 40.47 ? 20  LYS A CB  1 
ATOM   103 C  CG  . LYS A 1 20 ? -9.362  -3.803  -5.887  1.00 42.10 ? 20  LYS A CG  1 
ATOM   104 C  CD  . LYS A 1 20 ? -10.560 -4.731  -5.613  1.00 42.18 ? 20  LYS A CD  1 
ATOM   105 C  CE  . LYS A 1 20 ? -11.830 -3.939  -5.274  1.00 46.16 ? 20  LYS A CE  1 
ATOM   106 N  NZ  . LYS A 1 20 ? -11.553 -2.910  -4.214  1.00 46.74 ? 20  LYS A NZ  1 
ATOM   107 N  N   . ALA A 1 21 ? -5.562  -3.203  -5.449  1.00 40.45 ? 21  ALA A N   1 
ATOM   108 C  CA  . ALA A 1 21 ? -4.833  -2.315  -4.530  1.00 40.31 ? 21  ALA A CA  1 
ATOM   109 C  C   . ALA A 1 21 ? -4.072  -1.222  -5.268  1.00 40.50 ? 21  ALA A C   1 
ATOM   110 O  O   . ALA A 1 21 ? -3.989  -0.091  -4.785  1.00 40.92 ? 21  ALA A O   1 
ATOM   111 C  CB  . ALA A 1 21 ? -3.875  -3.113  -3.653  1.00 40.38 ? 21  ALA A CB  1 
ATOM   112 N  N   . LEU A 1 22 ? -3.521  -1.564  -6.435  1.00 39.89 ? 22  LEU A N   1 
ATOM   113 C  CA  . LEU A 1 22 ? -2.705  -0.641  -7.211  1.00 39.50 ? 22  LEU A CA  1 
ATOM   114 C  C   . LEU A 1 22 ? -3.542  0.307   -8.051  1.00 39.33 ? 22  LEU A C   1 
ATOM   115 O  O   . LEU A 1 22 ? -3.029  1.288   -8.576  1.00 39.60 ? 22  LEU A O   1 
ATOM   116 C  CB  . LEU A 1 22 ? -1.734  -1.417  -8.123  1.00 39.54 ? 22  LEU A CB  1 
ATOM   117 C  CG  . LEU A 1 22 ? -0.527  -2.136  -7.506  1.00 39.40 ? 22  LEU A CG  1 
ATOM   118 C  CD1 . LEU A 1 22 ? 0.183   -3.058  -8.532  1.00 39.72 ? 22  LEU A CD1 1 
ATOM   119 C  CD2 . LEU A 1 22 ? 0.468   -1.154  -6.899  1.00 39.93 ? 22  LEU A CD2 1 
ATOM   120 N  N   . ALA A 1 23 ? -4.833  0.016   -8.165  1.00 39.25 ? 23  ALA A N   1 
ATOM   121 C  CA  . ALA A 1 23 ? -5.698  0.667   -9.153  1.00 39.57 ? 23  ALA A CA  1 
ATOM   122 C  C   . ALA A 1 23 ? -6.229  2.039   -8.733  1.00 39.55 ? 23  ALA A C   1 
ATOM   123 O  O   . ALA A 1 23 ? -7.343  2.395   -9.080  1.00 40.22 ? 23  ALA A O   1 
ATOM   124 C  CB  . ALA A 1 23 ? -6.868  -0.258  -9.526  1.00 39.33 ? 23  ALA A CB  1 
ATOM   125 N  N   . ASN A 1 24 ? -5.432  2.801   -7.995  1.00 39.27 ? 24  ASN A N   1 
ATOM   126 C  CA  . ASN A 1 24 ? -5.824  4.132   -7.565  1.00 38.74 ? 24  ASN A CA  1 
ATOM   127 C  C   . ASN A 1 24 ? -4.573  4.991   -7.476  1.00 38.32 ? 24  ASN A C   1 
ATOM   128 O  O   . ASN A 1 24 ? -3.683  4.720   -6.666  1.00 37.44 ? 24  ASN A O   1 
ATOM   129 C  CB  . ASN A 1 24 ? -6.566  4.056   -6.222  1.00 39.42 ? 24  ASN A CB  1 
ATOM   130 C  CG  . ASN A 1 24 ? -7.072  5.412   -5.747  1.00 39.57 ? 24  ASN A CG  1 
ATOM   131 O  OD1 . ASN A 1 24 ? -6.288  6.302   -5.425  1.00 39.50 ? 24  ASN A OD1 1 
ATOM   132 N  ND2 . ASN A 1 24 ? -8.386  5.566   -5.691  1.00 40.32 ? 24  ASN A ND2 1 
ATOM   133 N  N   . GLY A 1 25 ? -4.505  6.021   -8.314  1.00 37.86 ? 25  GLY A N   1 
ATOM   134 C  CA  . GLY A 1 25 ? -3.285  6.818   -8.453  1.00 38.57 ? 25  GLY A CA  1 
ATOM   135 C  C   . GLY A 1 25 ? -2.862  7.528   -7.189  1.00 39.14 ? 25  GLY A C   1 
ATOM   136 O  O   . GLY A 1 25 ? -1.669  7.603   -6.857  1.00 39.24 ? 25  GLY A O   1 
ATOM   137 N  N   . ARG A 1 26 ? -3.852  8.042   -6.473  1.00 39.55 ? 26  ARG A N   1 
ATOM   138 C  CA  . ARG A 1 26 ? -3.616  8.743   -5.226  1.00 39.85 ? 26  ARG A CA  1 
ATOM   139 C  C   . ARG A 1 26 ? -3.224  7.789   -4.106  1.00 39.83 ? 26  ARG A C   1 
ATOM   140 O  O   . ARG A 1 26 ? -2.369  8.106   -3.287  1.00 40.29 ? 26  ARG A O   1 
ATOM   141 C  CB  . ARG A 1 26 ? -4.845  9.574   -4.848  1.00 40.04 ? 26  ARG A CB  1 
ATOM   142 C  CG  . ARG A 1 26 ? -4.508  10.734  -3.964  1.00 39.27 ? 26  ARG A CG  1 
ATOM   143 C  CD  . ARG A 1 26 ? -5.741  11.326  -3.341  1.00 37.53 ? 26  ARG A CD  1 
ATOM   144 N  NE  . ARG A 1 26 ? -5.369  12.335  -2.361  1.00 36.44 ? 26  ARG A NE  1 
ATOM   145 C  CZ  . ARG A 1 26 ? -6.224  12.963  -1.564  1.00 37.31 ? 26  ARG A CZ  1 
ATOM   146 N  NH1 . ARG A 1 26 ? -7.521  12.680  -1.614  1.00 35.00 ? 26  ARG A NH1 1 
ATOM   147 N  NH2 . ARG A 1 26 ? -5.775  13.871  -0.707  1.00 37.00 ? 26  ARG A NH2 1 
ATOM   148 N  N   . ARG A 1 27 ? -3.821  6.602   -4.090  1.00 39.85 ? 27  ARG A N   1 
ATOM   149 C  CA  . ARG A 1 27 ? -3.404  5.535   -3.167  1.00 39.62 ? 27  ARG A CA  1 
ATOM   150 C  C   . ARG A 1 27 ? -1.926  5.123   -3.333  1.00 39.60 ? 27  ARG A C   1 
ATOM   151 O  O   . ARG A 1 27 ? -1.252  4.733   -2.360  1.00 40.26 ? 27  ARG A O   1 
ATOM   152 C  CB  . ARG A 1 27 ? -4.353  4.343   -3.335  1.00 40.34 ? 27  ARG A CB  1 
ATOM   153 C  CG  . ARG A 1 27 ? -3.978  3.077   -2.602  1.00 39.61 ? 27  ARG A CG  1 
ATOM   154 C  CD  . ARG A 1 27 ? -5.217  2.263   -2.274  1.00 40.81 ? 27  ARG A CD  1 
ATOM   155 N  NE  . ARG A 1 27 ? -5.781  1.572   -3.428  1.00 43.15 ? 27  ARG A NE  1 
ATOM   156 C  CZ  . ARG A 1 27 ? -7.049  1.652   -3.828  1.00 44.45 ? 27  ARG A CZ  1 
ATOM   157 N  NH1 . ARG A 1 27 ? -7.924  2.400   -3.173  1.00 44.15 ? 27  ARG A NH1 1 
ATOM   158 N  NH2 . ARG A 1 27 ? -7.454  0.966   -4.889  1.00 45.97 ? 27  ARG A NH2 1 
ATOM   159 N  N   . LEU A 1 28 ? -1.403  5.231   -4.555  1.00 38.39 ? 28  LEU A N   1 
ATOM   160 C  CA  . LEU A 1 28 ? 0.005   4.912   -4.826  1.00 37.31 ? 28  LEU A CA  1 
ATOM   161 C  C   . LEU A 1 28 ? 1.010   5.884   -4.164  1.00 36.49 ? 28  LEU A C   1 
ATOM   162 O  O   . LEU A 1 28 ? 2.181   5.538   -3.939  1.00 35.53 ? 28  LEU A O   1 
ATOM   163 C  CB  . LEU A 1 28 ? 0.238   4.858   -6.333  1.00 37.80 ? 28  LEU A CB  1 
ATOM   164 C  CG  . LEU A 1 28 ? -0.034  3.539   -7.090  1.00 38.88 ? 28  LEU A CG  1 
ATOM   165 C  CD1 . LEU A 1 28 ? -1.042  2.660   -6.392  1.00 40.96 ? 28  LEU A CD1 1 
ATOM   166 C  CD2 . LEU A 1 28 ? -0.484  3.847   -8.488  1.00 38.57 ? 28  LEU A CD2 1 
ATOM   167 N  N   . GLN A 1 29 ? 0.554   7.098   -3.874  1.00 35.32 ? 29  GLN A N   1 
ATOM   168 C  CA  . GLN A 1 29 ? 1.349   8.070   -3.112  1.00 35.44 ? 29  GLN A CA  1 
ATOM   169 C  C   . GLN A 1 29 ? 1.746   7.504   -1.758  1.00 34.71 ? 29  GLN A C   1 
ATOM   170 O  O   . GLN A 1 29 ? 2.873   7.688   -1.313  1.00 34.76 ? 29  GLN A O   1 
ATOM   171 C  CB  . GLN A 1 29 ? 0.584   9.381   -2.927  1.00 35.13 ? 29  GLN A CB  1 
ATOM   172 C  CG  . GLN A 1 29 ? 0.291   10.090  -4.238  1.00 36.61 ? 29  GLN A CG  1 
ATOM   173 C  CD  . GLN A 1 29 ? -0.481  11.379  -4.058  1.00 38.49 ? 29  GLN A CD  1 
ATOM   174 O  OE1 . GLN A 1 29 ? -1.133  11.856  -4.989  1.00 41.68 ? 29  GLN A OE1 1 
ATOM   175 N  NE2 . GLN A 1 29 ? -0.405  11.957  -2.870  1.00 37.32 ? 29  GLN A NE2 1 
ATOM   176 N  N   . ILE A 1 30 ? 0.827   6.785   -1.127  1.00 34.74 ? 30  ILE A N   1 
ATOM   177 C  CA  . ILE A 1 30 ? 1.112   6.098   0.133   1.00 35.03 ? 30  ILE A CA  1 
ATOM   178 C  C   . ILE A 1 30 ? 2.315   5.182   0.006   1.00 35.85 ? 30  ILE A C   1 
ATOM   179 O  O   . ILE A 1 30 ? 3.183   5.162   0.877   1.00 36.14 ? 30  ILE A O   1 
ATOM   180 C  CB  . ILE A 1 30 ? -0.110  5.298   0.647   1.00 35.09 ? 30  ILE A CB  1 
ATOM   181 C  CG1 . ILE A 1 30 ? -1.250  6.260   1.043   1.00 34.91 ? 30  ILE A CG1 1 
ATOM   182 C  CG2 . ILE A 1 30 ? 0.301   4.421   1.838   1.00 34.67 ? 30  ILE A CG2 1 
ATOM   183 C  CD1 . ILE A 1 30 ? -2.608  5.586   1.323   1.00 34.80 ? 30  ILE A CD1 1 
ATOM   184 N  N   . LEU A 1 31 ? 2.381   4.440   -1.097  1.00 36.47 ? 31  LEU A N   1 
ATOM   185 C  CA  . LEU A 1 31 ? 3.492   3.512   -1.329  1.00 37.29 ? 31  LEU A CA  1 
ATOM   186 C  C   . LEU A 1 31 ? 4.822   4.233   -1.461  1.00 37.85 ? 31  LEU A C   1 
ATOM   187 O  O   . LEU A 1 31 ? 5.816   3.816   -0.864  1.00 38.64 ? 31  LEU A O   1 
ATOM   188 C  CB  . LEU A 1 31 ? 3.204   2.602   -2.538  1.00 37.04 ? 31  LEU A CB  1 
ATOM   189 C  CG  . LEU A 1 31 ? 2.103   1.561   -2.331  1.00 36.16 ? 31  LEU A CG  1 
ATOM   190 C  CD1 . LEU A 1 31 ? 1.890   0.752   -3.605  1.00 37.88 ? 31  LEU A CD1 1 
ATOM   191 C  CD2 . LEU A 1 31 ? 2.437   0.625   -1.168  1.00 34.13 ? 31  LEU A CD2 1 
ATOM   192 N  N   . ASP A 1 32 ? 4.841   5.341   -2.204  1.00 39.12 ? 32  ASP A N   1 
ATOM   193 C  CA  . ASP A 1 32 ? 6.048   6.175   -2.305  1.00 40.47 ? 32  ASP A CA  1 
ATOM   194 C  C   . ASP A 1 32 ? 6.466   6.723   -0.959  1.00 40.68 ? 32  ASP A C   1 
ATOM   195 O  O   . ASP A 1 32 ? 7.657   6.788   -0.648  1.00 41.18 ? 32  ASP A O   1 
ATOM   196 C  CB  . ASP A 1 32 ? 5.848   7.327   -3.291  1.00 41.11 ? 32  ASP A CB  1 
ATOM   197 C  CG  . ASP A 1 32 ? 6.520   7.068   -4.623  1.00 43.17 ? 32  ASP A CG  1 
ATOM   198 O  OD1 . ASP A 1 32 ? 7.742   6.793   -4.647  1.00 45.74 ? 32  ASP A OD1 1 
ATOM   199 O  OD2 . ASP A 1 32 ? 5.835   7.138   -5.659  1.00 47.06 ? 32  ASP A OD2 1 
ATOM   200 N  N   . LEU A 1 33 ? 5.478   7.087   -0.147  1.00 40.84 ? 33  LEU A N   1 
ATOM   201 C  CA  . LEU A 1 33 ? 5.732   7.627   1.179   1.00 41.46 ? 33  LEU A CA  1 
ATOM   202 C  C   . LEU A 1 33 ? 6.339   6.594   2.129   1.00 41.71 ? 33  LEU A C   1 
ATOM   203 O  O   . LEU A 1 33 ? 7.241   6.914   2.908   1.00 42.11 ? 33  LEU A O   1 
ATOM   204 C  CB  . LEU A 1 33 ? 4.447   8.202   1.776   1.00 40.87 ? 33  LEU A CB  1 
ATOM   205 C  CG  . LEU A 1 33 ? 4.609   8.945   3.092   1.00 42.09 ? 33  LEU A CG  1 
ATOM   206 C  CD1 . LEU A 1 33 ? 5.344   10.280  2.900   1.00 42.77 ? 33  LEU A CD1 1 
ATOM   207 C  CD2 . LEU A 1 33 ? 3.251   9.152   3.724   1.00 42.28 ? 33  LEU A CD2 1 
ATOM   208 N  N   . LEU A 1 34 ? 5.844   5.363   2.060   1.00 41.91 ? 34  LEU A N   1 
ATOM   209 C  CA  . LEU A 1 34 ? 6.318   4.302   2.942   1.00 42.20 ? 34  LEU A CA  1 
ATOM   210 C  C   . LEU A 1 34 ? 7.626   3.680   2.452   1.00 43.25 ? 34  LEU A C   1 
ATOM   211 O  O   . LEU A 1 34 ? 8.241   2.891   3.157   1.00 42.88 ? 34  LEU A O   1 
ATOM   212 C  CB  . LEU A 1 34 ? 5.244   3.218   3.088   1.00 41.64 ? 34  LEU A CB  1 
ATOM   213 C  CG  . LEU A 1 34 ? 3.913   3.610   3.744   1.00 40.40 ? 34  LEU A CG  1 
ATOM   214 C  CD1 . LEU A 1 34 ? 3.000   2.424   3.741   1.00 39.43 ? 34  LEU A CD1 1 
ATOM   215 C  CD2 . LEU A 1 34 ? 4.130   4.120   5.159   1.00 38.29 ? 34  LEU A CD2 1 
ATOM   216 N  N   . ALA A 1 35 ? 8.034   4.043   1.241   1.00 45.05 ? 35  ALA A N   1 
ATOM   217 C  CA  . ALA A 1 35 ? 9.157   3.413   0.562   1.00 46.81 ? 35  ALA A CA  1 
ATOM   218 C  C   . ALA A 1 35 ? 10.339  4.336   0.566   1.00 47.76 ? 35  ALA A C   1 
ATOM   219 O  O   . ALA A 1 35 ? 10.416  5.220   -0.279  1.00 49.19 ? 35  ALA A O   1 
ATOM   220 C  CB  . ALA A 1 35 ? 8.773   3.059   -0.895  1.00 47.15 ? 35  ALA A CB  1 
ATOM   221 N  N   . GLN A 1 36 ? 11.243  4.170   1.530   1.00 48.44 ? 36  GLN A N   1 
ATOM   222 C  CA  . GLN A 1 36 ? 11.040  3.232   2.636   1.00 48.06 ? 36  GLN A CA  1 
ATOM   223 C  C   . GLN A 1 36 ? 11.012  3.925   4.028   1.00 47.15 ? 36  GLN A C   1 
ATOM   224 O  O   . GLN A 1 36 ? 11.651  4.966   4.270   1.00 47.81 ? 36  GLN A O   1 
ATOM   225 C  CB  . GLN A 1 36 ? 12.048  2.077   2.558   1.00 48.38 ? 36  GLN A CB  1 
ATOM   226 C  CG  . GLN A 1 36 ? 11.814  0.910   3.533   1.00 49.83 ? 36  GLN A CG  1 
ATOM   227 C  CD  . GLN A 1 36 ? 10.774  -0.108  3.079   1.00 50.18 ? 36  GLN A CD  1 
ATOM   228 O  OE1 . GLN A 1 36 ? 10.717  -0.500  1.903   1.00 52.19 ? 36  GLN A OE1 1 
ATOM   229 N  NE2 . GLN A 1 36 ? 9.965   -0.574  4.029   1.00 48.75 ? 36  GLN A NE2 1 
ATOM   230 N  N   . GLY A 1 37 ? 10.254  3.314   4.932   1.00 45.49 ? 37  GLY A N   1 
ATOM   231 C  CA  . GLY A 1 37 ? 10.164  3.731   6.311   1.00 42.97 ? 37  GLY A CA  1 
ATOM   232 C  C   . GLY A 1 37 ? 8.705   3.690   6.704   1.00 41.40 ? 37  GLY A C   1 
ATOM   233 O  O   . GLY A 1 37 ? 7.886   4.411   6.132   1.00 41.47 ? 37  GLY A O   1 
ATOM   234 N  N   . GLU A 1 38 ? 8.392   2.830   7.667   1.00 39.37 ? 38  GLU A N   1 
ATOM   235 C  CA  . GLU A 1 38 ? 7.053   2.717   8.228   1.00 37.90 ? 38  GLU A CA  1 
ATOM   236 C  C   . GLU A 1 38 ? 6.546   4.054   8.790   1.00 37.02 ? 38  GLU A C   1 
ATOM   237 O  O   . GLU A 1 38 ? 7.321   4.839   9.328   1.00 36.62 ? 38  GLU A O   1 
ATOM   238 C  CB  . GLU A 1 38 ? 7.057   1.613   9.286   1.00 37.58 ? 38  GLU A CB  1 
ATOM   239 C  CG  . GLU A 1 38 ? 6.174   1.837   10.482  1.00 37.16 ? 38  GLU A CG  1 
ATOM   240 C  CD  . GLU A 1 38 ? 6.480   0.880   11.613  1.00 35.85 ? 38  GLU A CD  1 
ATOM   241 O  OE1 . GLU A 1 38 ? 7.048   1.320   12.631  1.00 38.42 ? 38  GLU A OE1 1 
ATOM   242 O  OE2 . GLU A 1 38 ? 6.139   -0.308  11.495  1.00 35.41 ? 38  GLU A OE2 1 
ATOM   243 N  N   . ARG A 1 39 ? 5.250   4.328   8.631   1.00 36.44 ? 39  ARG A N   1 
ATOM   244 C  CA  . ARG A 1 39 ? 4.671   5.558   9.195   1.00 35.72 ? 39  ARG A CA  1 
ATOM   245 C  C   . ARG A 1 39 ? 3.304   5.297   9.817   1.00 34.48 ? 39  ARG A C   1 
ATOM   246 O  O   . ARG A 1 39 ? 2.625   4.334   9.453   1.00 33.66 ? 39  ARG A O   1 
ATOM   247 C  CB  . ARG A 1 39 ? 4.632   6.693   8.143   1.00 36.23 ? 39  ARG A CB  1 
ATOM   248 C  CG  . ARG A 1 39 ? 5.986   6.869   7.384   1.00 38.73 ? 39  ARG A CG  1 
ATOM   249 C  CD  . ARG A 1 39 ? 6.467   8.313   7.149   1.00 42.18 ? 39  ARG A CD  1 
ATOM   250 N  NE  . ARG A 1 39 ? 6.254   9.211   8.282   1.00 45.13 ? 39  ARG A NE  1 
ATOM   251 C  CZ  . ARG A 1 39 ? 6.461   10.531  8.249   1.00 46.34 ? 39  ARG A CZ  1 
ATOM   252 N  NH1 . ARG A 1 39 ? 6.888   11.114  7.139   1.00 47.22 ? 39  ARG A NH1 1 
ATOM   253 N  NH2 . ARG A 1 39 ? 6.241   11.274  9.325   1.00 46.12 ? 39  ARG A NH2 1 
ATOM   254 N  N   . ALA A 1 40 ? 2.925   6.137   10.781  1.00 33.31 ? 40  ALA A N   1 
ATOM   255 C  CA  . ALA A 1 40 ? 1.604   6.080   11.411  1.00 32.65 ? 40  ALA A CA  1 
ATOM   256 C  C   . ALA A 1 40 ? 0.533   6.573   10.442  1.00 32.52 ? 40  ALA A C   1 
ATOM   257 O  O   . ALA A 1 40 ? 0.808   7.399   9.586   1.00 32.54 ? 40  ALA A O   1 
ATOM   258 C  CB  . ALA A 1 40 ? 1.574   6.915   12.709  1.00 32.28 ? 40  ALA A CB  1 
ATOM   259 N  N   . VAL A 1 41 ? -0.690  6.072   10.599  1.00 32.43 ? 41  VAL A N   1 
ATOM   260 C  CA  . VAL A 1 41 ? -1.838  6.483   9.780   1.00 32.45 ? 41  VAL A CA  1 
ATOM   261 C  C   . VAL A 1 41 ? -1.987  8.018   9.744   1.00 32.56 ? 41  VAL A C   1 
ATOM   262 O  O   . VAL A 1 41 ? -2.184  8.610   8.665   1.00 30.94 ? 41  VAL A O   1 
ATOM   263 C  CB  . VAL A 1 41 ? -3.155  5.851   10.318  1.00 32.36 ? 41  VAL A CB  1 
ATOM   264 C  CG1 . VAL A 1 41 ? -4.369  6.310   9.508   1.00 33.26 ? 41  VAL A CG1 1 
ATOM   265 C  CG2 . VAL A 1 41 ? -3.048  4.333   10.318  1.00 33.23 ? 41  VAL A CG2 1 
ATOM   266 N  N   . GLU A 1 42 ? -1.903  8.638   10.928  1.00 32.25 ? 42  GLU A N   1 
ATOM   267 C  CA  . GLU A 1 42 ? -2.050  10.091  11.080  1.00 34.06 ? 42  GLU A CA  1 
ATOM   268 C  C   . GLU A 1 42 ? -1.052  10.809  10.174  1.00 32.38 ? 42  GLU A C   1 
ATOM   269 O  O   . GLU A 1 42 ? -1.408  11.736  9.429   1.00 31.60 ? 42  GLU A O   1 
ATOM   270 C  CB  . GLU A 1 42 ? -1.806  10.498  12.546  1.00 33.79 ? 42  GLU A CB  1 
ATOM   271 C  CG  . GLU A 1 42 ? -2.826  11.475  13.101  1.00 38.11 ? 42  GLU A CG  1 
ATOM   272 C  CD  . GLU A 1 42 ? -2.337  12.219  14.359  1.00 39.52 ? 42  GLU A CD  1 
ATOM   273 O  OE1 . GLU A 1 42 ? -1.807  11.564  15.300  1.00 44.62 ? 42  GLU A OE1 1 
ATOM   274 O  OE2 . GLU A 1 42 ? -2.481  13.469  14.401  1.00 46.09 ? 42  GLU A OE2 1 
ATOM   275 N  N   . ALA A 1 43 ? 0.204   10.358  10.234  1.00 32.07 ? 43  ALA A N   1 
ATOM   276 C  CA  . ALA A 1 43 ? 1.279   10.947  9.430   1.00 31.16 ? 43  ALA A CA  1 
ATOM   277 C  C   . ALA A 1 43 ? 1.052   10.751  7.924   1.00 30.57 ? 43  ALA A C   1 
ATOM   278 O  O   . ALA A 1 43 ? 1.273   11.674  7.129   1.00 29.53 ? 43  ALA A O   1 
ATOM   279 C  CB  . ALA A 1 43 ? 2.651   10.394  9.866   1.00 31.72 ? 43  ALA A CB  1 
ATOM   280 N  N   . ILE A 1 44 ? 0.605   9.557   7.543   1.00 30.08 ? 44  ILE A N   1 
ATOM   281 C  CA  . ILE A 1 44 ? 0.320   9.213   6.144   1.00 30.19 ? 44  ILE A CA  1 
ATOM   282 C  C   . ILE A 1 44 ? -0.833  10.076  5.598   1.00 29.98 ? 44  ILE A C   1 
ATOM   283 O  O   . ILE A 1 44 ? -0.786  10.563  4.459   1.00 30.34 ? 44  ILE A O   1 
ATOM   284 C  CB  . ILE A 1 44 ? -0.042  7.701   5.999   1.00 30.45 ? 44  ILE A CB  1 
ATOM   285 C  CG1 . ILE A 1 44 ? 1.173   6.820   6.326   1.00 30.70 ? 44  ILE A CG1 1 
ATOM   286 C  CG2 . ILE A 1 44 ? -0.556  7.374   4.598   1.00 30.65 ? 44  ILE A CG2 1 
ATOM   287 C  CD1 . ILE A 1 44 ? 0.819   5.380   6.666   1.00 29.89 ? 44  ILE A CD1 1 
ATOM   288 N  N   . ALA A 1 45 ? -1.853  10.269  6.420   1.00 29.54 ? 45  ALA A N   1 
ATOM   289 C  CA  . ALA A 1 45 ? -3.003  11.097  6.064   1.00 29.26 ? 45  ALA A CA  1 
ATOM   290 C  C   . ALA A 1 45 ? -2.558  12.540  5.824   1.00 29.00 ? 45  ALA A C   1 
ATOM   291 O  O   . ALA A 1 45 ? -2.908  13.160  4.815   1.00 29.47 ? 45  ALA A O   1 
ATOM   292 C  CB  . ALA A 1 45 ? -4.032  11.047  7.172   1.00 28.85 ? 45  ALA A CB  1 
ATOM   293 N  N   . THR A 1 46 ? -1.777  13.063  6.760   1.00 27.98 ? 46  THR A N   1 
ATOM   294 C  CA  . THR A 1 46 ? -1.264  14.428  6.689   1.00 27.31 ? 46  THR A CA  1 
ATOM   295 C  C   . THR A 1 46 ? -0.322  14.641  5.495   1.00 27.35 ? 46  THR A C   1 
ATOM   296 O  O   . THR A 1 46 ? -0.432  15.647  4.778   1.00 26.37 ? 46  THR A O   1 
ATOM   297 C  CB  . THR A 1 46 ? -0.553  14.784  7.992   1.00 27.23 ? 46  THR A CB  1 
ATOM   298 O  OG1 . THR A 1 46 ? -1.494  14.682  9.075   1.00 26.60 ? 46  THR A OG1 1 
ATOM   299 C  CG2 . THR A 1 46 ? 0.000   16.220  7.947   1.00 27.88 ? 46  THR A CG2 1 
ATOM   300 N  N   . ALA A 1 47 ? 0.587   13.689  5.275   1.00 26.90 ? 47  ALA A N   1 
ATOM   301 C  CA  . ALA A 1 47 ? 1.540   13.776  4.172   1.00 27.64 ? 47  ALA A CA  1 
ATOM   302 C  C   . ALA A 1 47 ? 0.854   13.741  2.810   1.00 27.72 ? 47  ALA A C   1 
ATOM   303 O  O   . ALA A 1 47 ? 1.301   14.394  1.873   1.00 28.07 ? 47  ALA A O   1 
ATOM   304 C  CB  . ALA A 1 47 ? 2.597   12.658  4.266   1.00 26.99 ? 47  ALA A CB  1 
ATOM   305 N  N   . THR A 1 48 ? -0.220  12.982  2.688   1.00 28.27 ? 48  THR A N   1 
ATOM   306 C  CA  . THR A 1 48 ? -0.870  12.836  1.387   1.00 29.30 ? 48  THR A CA  1 
ATOM   307 C  C   . THR A 1 48 ? -2.078  13.763  1.227   1.00 30.20 ? 48  THR A C   1 
ATOM   308 O  O   . THR A 1 48 ? -2.733  13.750  0.189   1.00 30.86 ? 48  THR A O   1 
ATOM   309 C  CB  . THR A 1 48 ? -1.356  11.408  1.169   1.00 29.86 ? 48  THR A CB  1 
ATOM   310 O  OG1 . THR A 1 48 ? -2.300  11.091  2.201   1.00 30.14 ? 48  THR A OG1 1 
ATOM   311 C  CG2 . THR A 1 48 ? -0.183  10.447  1.197   1.00 28.89 ? 48  THR A CG2 1 
ATOM   312 N  N   . GLY A 1 49 ? -2.361  14.564  2.251   1.00 30.26 ? 49  GLY A N   1 
ATOM   313 C  CA  . GLY A 1 49 ? -3.519  15.452  2.230   1.00 30.81 ? 49  GLY A CA  1 
ATOM   314 C  C   . GLY A 1 49 ? -4.863  14.720  2.271   1.00 31.47 ? 49  GLY A C   1 
ATOM   315 O  O   . GLY A 1 49 ? -5.859  15.275  1.838   1.00 30.54 ? 49  GLY A O   1 
HETATM 316 N  N   . MSE A 1 50 ? -4.892  13.494  2.802   1.00 31.45 ? 50  MSE A N   1 
HETATM 317 C  CA  . MSE A 1 50 ? -6.134  12.722  2.893   1.00 34.38 ? 50  MSE A CA  1 
HETATM 318 C  C   . MSE A 1 50 ? -6.728  12.893  4.275   1.00 32.69 ? 50  MSE A C   1 
HETATM 319 O  O   . MSE A 1 50 ? -5.993  12.926  5.247   1.00 32.47 ? 50  MSE A O   1 
HETATM 320 C  CB  . MSE A 1 50 ? -5.903  11.220  2.669   1.00 33.73 ? 50  MSE A CB  1 
HETATM 321 C  CG  . MSE A 1 50 ? -5.441  10.818  1.275   1.00 34.78 ? 50  MSE A CG  1 
HETATM 322 SE SE  . MSE A 1 50 ? -4.919  8.924   1.320   1.00 44.93 ? 50  MSE A SE  1 
HETATM 323 C  CE  . MSE A 1 50 ? -3.889  8.873   -0.364  1.00 38.76 ? 50  MSE A CE  1 
ATOM   324 N  N   . ASN A 1 51 ? -8.053  12.987  4.368   1.00 31.93 ? 51  ASN A N   1 
ATOM   325 C  CA  . ASN A 1 51 ? -8.691  12.889  5.674   1.00 32.08 ? 51  ASN A CA  1 
ATOM   326 C  C   . ASN A 1 51 ? -8.437  11.478  6.243   1.00 31.78 ? 51  ASN A C   1 
ATOM   327 O  O   . ASN A 1 51 ? -8.110  10.548  5.488   1.00 30.59 ? 51  ASN A O   1 
ATOM   328 C  CB  . ASN A 1 51 ? -10.187 13.190  5.580   1.00 31.42 ? 51  ASN A CB  1 
ATOM   329 C  CG  . ASN A 1 51 ? -10.940 12.160  4.748   1.00 31.92 ? 51  ASN A CG  1 
ATOM   330 O  OD1 . ASN A 1 51 ? -11.456 11.189  5.285   1.00 31.85 ? 51  ASN A OD1 1 
ATOM   331 N  ND2 . ASN A 1 51 ? -10.999 12.365  3.437   1.00 29.94 ? 51  ASN A ND2 1 
ATOM   332 N  N   . LEU A 1 52 ? -8.578  11.339  7.561   1.00 31.23 ? 52  LEU A N   1 
ATOM   333 C  CA  . LEU A 1 52 ? -8.307  10.089  8.267   1.00 32.40 ? 52  LEU A CA  1 
ATOM   334 C  C   . LEU A 1 52 ? -9.127  8.895   7.758   1.00 32.04 ? 52  LEU A C   1 
ATOM   335 O  O   . LEU A 1 52 ? -8.603  7.797   7.680   1.00 32.31 ? 52  LEU A O   1 
ATOM   336 C  CB  . LEU A 1 52 ? -8.540  10.271  9.777   1.00 32.69 ? 52  LEU A CB  1 
ATOM   337 C  CG  . LEU A 1 52 ? -7.382  10.315  10.794  1.00 36.10 ? 52  LEU A CG  1 
ATOM   338 C  CD1 . LEU A 1 52 ? -5.993  10.657  10.207  1.00 34.12 ? 52  LEU A CD1 1 
ATOM   339 C  CD2 . LEU A 1 52 ? -7.748  11.242  11.999  1.00 33.95 ? 52  LEU A CD2 1 
ATOM   340 N  N   . THR A 1 53 ? -10.399 9.112   7.414   1.00 31.32 ? 53  THR A N   1 
ATOM   341 C  CA  . THR A 1 53 ? -11.246 8.054   6.856   1.00 31.00 ? 53  THR A CA  1 
ATOM   342 C  C   . THR A 1 53 ? -10.753 7.574   5.479   1.00 30.75 ? 53  THR A C   1 
ATOM   343 O  O   . THR A 1 53 ? -10.634 6.356   5.233   1.00 30.33 ? 53  THR A O   1 
ATOM   344 C  CB  . THR A 1 53 ? -12.716 8.498   6.793   1.00 30.57 ? 53  THR A CB  1 
ATOM   345 O  OG1 . THR A 1 53 ? -13.127 8.940   8.094   1.00 32.50 ? 53  THR A OG1 1 
ATOM   346 C  CG2 . THR A 1 53 ? -13.643 7.355   6.332   1.00 30.98 ? 53  THR A CG2 1 
ATOM   347 N  N   . THR A 1 54 ? -10.471 8.523   4.585   1.00 30.66 ? 54  THR A N   1 
ATOM   348 C  CA  . THR A 1 54 ? -9.894  8.221   3.252   1.00 29.69 ? 54  THR A CA  1 
ATOM   349 C  C   . THR A 1 54 ? -8.568  7.475   3.370   1.00 30.20 ? 54  THR A C   1 
ATOM   350 O  O   . THR A 1 54 ? -8.366  6.450   2.727   1.00 31.03 ? 54  THR A O   1 
ATOM   351 C  CB  . THR A 1 54 ? -9.710  9.514   2.430   1.00 29.54 ? 54  THR A CB  1 
ATOM   352 O  OG1 . THR A 1 54 ? -10.990 10.136  2.240   1.00 27.64 ? 54  THR A OG1 1 
ATOM   353 C  CG2 . THR A 1 54 ? -9.083  9.232   1.060   1.00 29.41 ? 54  THR A CG2 1 
ATOM   354 N  N   . ALA A 1 55 ? -7.666  7.969   4.209   1.00 30.57 ? 55  ALA A N   1 
ATOM   355 C  CA  . ALA A 1 55 ? -6.371  7.334   4.399   1.00 31.63 ? 55  ALA A CA  1 
ATOM   356 C  C   . ALA A 1 55 ? -6.538  5.889   4.880   1.00 32.57 ? 55  ALA A C   1 
ATOM   357 O  O   . ALA A 1 55 ? -5.909  4.973   4.357   1.00 32.41 ? 55  ALA A O   1 
ATOM   358 C  CB  . ALA A 1 55 ? -5.509  8.136   5.411   1.00 31.40 ? 55  ALA A CB  1 
ATOM   359 N  N   . SER A 1 56 ? -7.387  5.698   5.879   1.00 32.63 ? 56  SER A N   1 
ATOM   360 C  CA  . SER A 1 56 ? -7.571  4.384   6.462   1.00 33.85 ? 56  SER A CA  1 
ATOM   361 C  C   . SER A 1 56 ? -8.223  3.420   5.467   1.00 33.66 ? 56  SER A C   1 
ATOM   362 O  O   . SER A 1 56 ? -7.819  2.257   5.383   1.00 33.97 ? 56  SER A O   1 
ATOM   363 C  CB  . SER A 1 56 ? -8.365  4.493   7.777   1.00 34.73 ? 56  SER A CB  1 
ATOM   364 O  OG  . SER A 1 56 ? -8.682  3.203   8.274   1.00 39.25 ? 56  SER A OG  1 
ATOM   365 N  N   . ALA A 1 57 ? -9.204  3.907   4.697   1.00 33.16 ? 57  ALA A N   1 
ATOM   366 C  CA  . ALA A 1 57 ? -9.779  3.144   3.581   1.00 32.39 ? 57  ALA A CA  1 
ATOM   367 C  C   . ALA A 1 57 ? -8.720  2.734   2.544   1.00 32.08 ? 57  ALA A C   1 
ATOM   368 O  O   . ALA A 1 57 ? -8.685  1.583   2.123   1.00 31.91 ? 57  ALA A O   1 
ATOM   369 C  CB  . ALA A 1 57 ? -10.941 3.920   2.903   1.00 32.31 ? 57  ALA A CB  1 
ATOM   370 N  N   . ASN A 1 58 ? -7.871  3.669   2.134   1.00 30.92 ? 58  ASN A N   1 
ATOM   371 C  CA  . ASN A 1 58 ? -6.834  3.369   1.157   1.00 31.28 ? 58  ASN A CA  1 
ATOM   372 C  C   . ASN A 1 58 ? -5.781  2.404   1.725   1.00 31.37 ? 58  ASN A C   1 
ATOM   373 O  O   . ASN A 1 58 ? -5.286  1.541   1.004   1.00 30.36 ? 58  ASN A O   1 
ATOM   374 C  CB  . ASN A 1 58 ? -6.143  4.645   0.672   1.00 31.26 ? 58  ASN A CB  1 
ATOM   375 C  CG  . ASN A 1 58 ? -6.910  5.346   -0.425  1.00 33.63 ? 58  ASN A CG  1 
ATOM   376 O  OD1 . ASN A 1 58 ? -7.435  4.711   -1.333  1.00 33.24 ? 58  ASN A OD1 1 
ATOM   377 N  ND2 . ASN A 1 58 ? -6.963  6.670   -0.357  1.00 34.90 ? 58  ASN A ND2 1 
ATOM   378 N  N   . LEU A 1 59 ? -5.436  2.567   3.007   1.00 30.73 ? 59  LEU A N   1 
ATOM   379 C  CA  . LEU A 1 59 ? -4.507  1.638   3.668   1.00 31.30 ? 59  LEU A CA  1 
ATOM   380 C  C   . LEU A 1 59 ? -5.063  0.205   3.761   1.00 32.02 ? 59  LEU A C   1 
ATOM   381 O  O   . LEU A 1 59 ? -4.342  -0.762  3.524   1.00 31.99 ? 59  LEU A O   1 
ATOM   382 C  CB  . LEU A 1 59 ? -4.079  2.181   5.037   1.00 31.27 ? 59  LEU A CB  1 
ATOM   383 C  CG  . LEU A 1 59 ? -3.118  3.372   4.932   1.00 30.37 ? 59  LEU A CG  1 
ATOM   384 C  CD1 . LEU A 1 59 ? -3.102  4.197   6.214   1.00 30.28 ? 59  LEU A CD1 1 
ATOM   385 C  CD2 . LEU A 1 59 ? -1.697  2.899   4.556   1.00 31.11 ? 59  LEU A CD2 1 
ATOM   386 N  N   . GLN A 1 60 ? -6.347  0.082   4.092   1.00 32.82 ? 60  GLN A N   1 
ATOM   387 C  CA  . GLN A 1 60 ? -7.059  -1.197  4.013   1.00 34.21 ? 60  GLN A CA  1 
ATOM   388 C  C   . GLN A 1 60 ? -7.013  -1.810  2.615   1.00 33.40 ? 60  GLN A C   1 
ATOM   389 O  O   . GLN A 1 60 ? -6.797  -3.021  2.474   1.00 33.49 ? 60  GLN A O   1 
ATOM   390 C  CB  . GLN A 1 60 ? -8.516  -1.035  4.437   1.00 34.70 ? 60  GLN A CB  1 
ATOM   391 C  CG  . GLN A 1 60 ? -8.815  -1.535  5.829   1.00 41.06 ? 60  GLN A CG  1 
ATOM   392 C  CD  . GLN A 1 60 ? -8.051  -0.811  6.917   1.00 46.85 ? 60  GLN A CD  1 
ATOM   393 O  OE1 . GLN A 1 60 ? -7.083  -1.349  7.470   1.00 50.80 ? 60  GLN A OE1 1 
ATOM   394 N  NE2 . GLN A 1 60 ? -8.483  0.408   7.245   1.00 49.99 ? 60  GLN A NE2 1 
ATOM   395 N  N   . ALA A 1 61 ? -7.211  -0.979  1.592   1.00 32.75 ? 61  ALA A N   1 
ATOM   396 C  CA  . ALA A 1 61 ? -7.139  -1.439  0.211   1.00 32.74 ? 61  ALA A CA  1 
ATOM   397 C  C   . ALA A 1 61 ? -5.754  -1.986  -0.113  1.00 32.35 ? 61  ALA A C   1 
ATOM   398 O  O   . ALA A 1 61 ? -5.634  -3.046  -0.726  1.00 32.24 ? 61  ALA A O   1 
ATOM   399 C  CB  . ALA A 1 61 ? -7.533  -0.334  -0.759  1.00 33.30 ? 61  ALA A CB  1 
ATOM   400 N  N   . LEU A 1 62 ? -4.712  -1.273  0.310   1.00 32.29 ? 62  LEU A N   1 
ATOM   401 C  CA  . LEU A 1 62 ? -3.329  -1.755  0.160   1.00 31.93 ? 62  LEU A CA  1 
ATOM   402 C  C   . LEU A 1 62 ? -3.074  -3.062  0.905   1.00 31.76 ? 62  LEU A C   1 
ATOM   403 O  O   . LEU A 1 62 ? -2.425  -3.974  0.374   1.00 32.06 ? 62  LEU A O   1 
ATOM   404 C  CB  . LEU A 1 62 ? -2.321  -0.679  0.570   1.00 31.75 ? 62  LEU A CB  1 
ATOM   405 C  CG  . LEU A 1 62 ? -2.300  0.551   -0.347  1.00 31.86 ? 62  LEU A CG  1 
ATOM   406 C  CD1 . LEU A 1 62 ? -1.446  1.642   0.283   1.00 32.59 ? 62  LEU A CD1 1 
ATOM   407 C  CD2 . LEU A 1 62 ? -1.792  0.182   -1.746  1.00 30.73 ? 62  LEU A CD2 1 
ATOM   408 N  N   . LYS A 1 63 ? -3.599  -3.154  2.122   1.00 31.91 ? 63  LYS A N   1 
ATOM   409 C  CA  . LYS A 1 63 ? -3.455  -4.350  2.963   1.00 31.96 ? 63  LYS A CA  1 
ATOM   410 C  C   . LYS A 1 63 ? -4.134  -5.586  2.352   1.00 32.02 ? 63  LYS A C   1 
ATOM   411 O  O   . LYS A 1 63 ? -3.556  -6.672  2.361   1.00 32.30 ? 63  LYS A O   1 
ATOM   412 C  CB  . LYS A 1 63 ? -4.020  -4.065  4.351   1.00 32.02 ? 63  LYS A CB  1 
ATOM   413 C  CG  . LYS A 1 63 ? -3.521  -4.976  5.476   1.00 33.69 ? 63  LYS A CG  1 
ATOM   414 C  CD  . LYS A 1 63 ? -4.229  -4.559  6.761   1.00 36.93 ? 63  LYS A CD  1 
ATOM   415 C  CE  . LYS A 1 63 ? -3.825  -5.387  7.979   1.00 38.70 ? 63  LYS A CE  1 
ATOM   416 N  NZ  . LYS A 1 63 ? -4.344  -6.785  7.930   1.00 40.43 ? 63  LYS A NZ  1 
ATOM   417 N  N   . SER A 1 64 ? -5.343  -5.425  1.811   1.00 31.72 ? 64  SER A N   1 
ATOM   418 C  CA  . SER A 1 64 ? -6.061  -6.537  1.166   1.00 32.24 ? 64  SER A CA  1 
ATOM   419 C  C   . SER A 1 64 ? -5.321  -7.063  -0.057  1.00 32.15 ? 64  SER A C   1 
ATOM   420 O  O   . SER A 1 64 ? -5.474  -8.216  -0.428  1.00 31.64 ? 64  SER A O   1 
ATOM   421 C  CB  . SER A 1 64 ? -7.470  -6.117  0.747   1.00 32.41 ? 64  SER A CB  1 
ATOM   422 O  OG  . SER A 1 64 ? -8.199  -5.612  1.853   1.00 34.04 ? 64  SER A OG  1 
ATOM   423 N  N   . GLY A 1 65 ? -4.527  -6.201  -0.688  1.00 32.09 ? 65  GLY A N   1 
ATOM   424 C  CA  . GLY A 1 65 ? -3.717  -6.603  -1.820  1.00 32.07 ? 65  GLY A CA  1 
ATOM   425 C  C   . GLY A 1 65 ? -2.348  -7.114  -1.409  1.00 32.46 ? 65  GLY A C   1 
ATOM   426 O  O   . GLY A 1 65 ? -1.516  -7.420  -2.265  1.00 32.72 ? 65  GLY A O   1 
ATOM   427 N  N   . GLY A 1 66 ? -2.109  -7.204  -0.099  1.00 32.62 ? 66  GLY A N   1 
ATOM   428 C  CA  . GLY A 1 66 ? -0.874  -7.766  0.424   1.00 32.69 ? 66  GLY A CA  1 
ATOM   429 C  C   . GLY A 1 66 ? 0.332   -6.853  0.302   1.00 33.08 ? 66  GLY A C   1 
ATOM   430 O  O   . GLY A 1 66 ? 1.473   -7.309  0.450   1.00 33.96 ? 66  GLY A O   1 
ATOM   431 N  N   . LEU A 1 67 ? 0.083   -5.564  0.077   1.00 32.55 ? 67  LEU A N   1 
ATOM   432 C  CA  . LEU A 1 67 ? 1.138   -4.616  -0.274  1.00 32.37 ? 67  LEU A CA  1 
ATOM   433 C  C   . LEU A 1 67 ? 1.725   -3.882  0.935   1.00 32.18 ? 67  LEU A C   1 
ATOM   434 O  O   . LEU A 1 67 ? 2.850   -3.382  0.879   1.00 32.14 ? 67  LEU A O   1 
ATOM   435 C  CB  . LEU A 1 67 ? 0.634   -3.605  -1.312  1.00 32.27 ? 67  LEU A CB  1 
ATOM   436 C  CG  . LEU A 1 67 ? 0.203   -4.132  -2.687  1.00 32.53 ? 67  LEU A CG  1 
ATOM   437 C  CD1 . LEU A 1 67 ? -0.130  -2.975  -3.612  1.00 32.72 ? 67  LEU A CD1 1 
ATOM   438 C  CD2 . LEU A 1 67 ? 1.261   -5.035  -3.319  1.00 33.12 ? 67  LEU A CD2 1 
ATOM   439 N  N   . VAL A 1 68 ? 0.950   -3.809  2.012   1.00 31.76 ? 68  VAL A N   1 
ATOM   440 C  CA  . VAL A 1 68 ? 1.417   -3.225  3.266   1.00 31.30 ? 68  VAL A CA  1 
ATOM   441 C  C   . VAL A 1 68 ? 1.071   -4.150  4.442   1.00 31.75 ? 68  VAL A C   1 
ATOM   442 O  O   . VAL A 1 68 ? 0.175   -4.997  4.331   1.00 31.26 ? 68  VAL A O   1 
ATOM   443 C  CB  . VAL A 1 68 ? 0.822   -1.810  3.520   1.00 31.40 ? 68  VAL A CB  1 
ATOM   444 C  CG1 . VAL A 1 68 ? 1.316   -0.800  2.471   1.00 31.95 ? 68  VAL A CG1 1 
ATOM   445 C  CG2 . VAL A 1 68 ? -0.714  -1.841  3.576   1.00 29.42 ? 68  VAL A CG2 1 
ATOM   446 N  N   . GLU A 1 69 ? 1.795   -4.000  5.551   1.00 31.85 ? 69  GLU A N   1 
ATOM   447 C  CA  . GLU A 1 69 ? 1.421   -4.643  6.809   1.00 32.28 ? 69  GLU A CA  1 
ATOM   448 C  C   . GLU A 1 69 ? 1.233   -3.576  7.869   1.00 32.41 ? 69  GLU A C   1 
ATOM   449 O  O   . GLU A 1 69 ? 1.713   -2.453  7.707   1.00 31.42 ? 69  GLU A O   1 
ATOM   450 C  CB  . GLU A 1 69 ? 2.464   -5.667  7.251   1.00 32.92 ? 69  GLU A CB  1 
ATOM   451 C  CG  . GLU A 1 69 ? 2.669   -6.769  6.223   1.00 35.72 ? 69  GLU A CG  1 
ATOM   452 C  CD  . GLU A 1 69 ? 2.512   -8.154  6.794   1.00 40.98 ? 69  GLU A CD  1 
ATOM   453 O  OE1 . GLU A 1 69 ? 2.682   -8.319  8.022   1.00 43.58 ? 69  GLU A OE1 1 
ATOM   454 O  OE2 . GLU A 1 69 ? 2.224   -9.090  6.007   1.00 43.37 ? 69  GLU A OE2 1 
ATOM   455 N  N   . ALA A 1 70 ? 0.525   -3.930  8.939   1.00 32.64 ? 70  ALA A N   1 
ATOM   456 C  CA  . ALA A 1 70 ? 0.164   -2.990  9.980   1.00 33.65 ? 70  ALA A CA  1 
ATOM   457 C  C   . ALA A 1 70 ? 0.488   -3.547  11.355  1.00 34.38 ? 70  ALA A C   1 
ATOM   458 O  O   . ALA A 1 70 ? 0.477   -4.757  11.567  1.00 34.45 ? 70  ALA A O   1 
ATOM   459 C  CB  . ALA A 1 70 ? -1.311  -2.643  9.891   1.00 33.39 ? 70  ALA A CB  1 
ATOM   460 N  N   . ARG A 1 71 ? 0.795   -2.653  12.282  1.00 35.39 ? 71  ARG A N   1 
ATOM   461 C  CA  . ARG A 1 71 ? 0.903   -3.003  13.687  1.00 36.23 ? 71  ARG A CA  1 
ATOM   462 C  C   . ARG A 1 71 ? 0.263   -1.909  14.517  1.00 37.35 ? 71  ARG A C   1 
ATOM   463 O  O   . ARG A 1 71 ? 0.247   -0.739  14.119  1.00 36.84 ? 71  ARG A O   1 
ATOM   464 C  CB  . ARG A 1 71 ? 2.360   -3.231  14.103  1.00 36.43 ? 71  ARG A CB  1 
ATOM   465 C  CG  . ARG A 1 71 ? 3.261   -2.030  13.950  1.00 35.94 ? 71  ARG A CG  1 
ATOM   466 C  CD  . ARG A 1 71 ? 4.674   -2.310  14.445  1.00 36.37 ? 71  ARG A CD  1 
ATOM   467 N  NE  . ARG A 1 71 ? 5.446   -1.073  14.381  1.00 36.80 ? 71  ARG A NE  1 
ATOM   468 C  CZ  . ARG A 1 71 ? 5.561   -0.204  15.389  1.00 36.20 ? 71  ARG A CZ  1 
ATOM   469 N  NH1 . ARG A 1 71 ? 4.974   -0.440  16.566  1.00 35.23 ? 71  ARG A NH1 1 
ATOM   470 N  NH2 . ARG A 1 71 ? 6.268   0.904   15.214  1.00 35.53 ? 71  ARG A NH2 1 
ATOM   471 N  N   . ARG A 1 72 ? -0.284  -2.307  15.657  1.00 38.99 ? 72  ARG A N   1 
ATOM   472 C  CA  . ARG A 1 72 ? -0.967  -1.407  16.574  1.00 41.08 ? 72  ARG A CA  1 
ATOM   473 C  C   . ARG A 1 72 ? -0.029  -1.111  17.748  1.00 41.70 ? 72  ARG A C   1 
ATOM   474 O  O   . ARG A 1 72 ? 0.469   -2.036  18.391  1.00 41.48 ? 72  ARG A O   1 
ATOM   475 C  CB  . ARG A 1 72 ? -2.253  -2.086  17.066  1.00 41.54 ? 72  ARG A CB  1 
ATOM   476 C  CG  . ARG A 1 72 ? -3.156  -1.251  17.985  1.00 43.71 ? 72  ARG A CG  1 
ATOM   477 C  CD  . ARG A 1 72 ? -4.302  -0.595  17.224  1.00 46.94 ? 72  ARG A CD  1 
ATOM   478 N  NE  . ARG A 1 72 ? -4.984  -1.537  16.335  1.00 49.20 ? 72  ARG A NE  1 
ATOM   479 C  CZ  . ARG A 1 72 ? -6.029  -1.229  15.570  1.00 50.96 ? 72  ARG A CZ  1 
ATOM   480 N  NH1 . ARG A 1 72 ? -6.535  0.001   15.581  1.00 50.81 ? 72  ARG A NH1 1 
ATOM   481 N  NH2 . ARG A 1 72 ? -6.575  -2.157  14.789  1.00 51.62 ? 72  ARG A NH2 1 
ATOM   482 N  N   . GLU A 1 73 ? 0.231   0.170   18.001  1.00 42.81 ? 73  GLU A N   1 
ATOM   483 C  CA  . GLU A 1 73 ? 1.042   0.585   19.153  1.00 44.34 ? 73  GLU A CA  1 
ATOM   484 C  C   . GLU A 1 73 ? 0.351   1.723   19.895  1.00 44.78 ? 73  GLU A C   1 
ATOM   485 O  O   . GLU A 1 73 ? 0.402   2.882   19.471  1.00 45.36 ? 73  GLU A O   1 
ATOM   486 C  CB  . GLU A 1 73 ? 2.463   0.981   18.731  1.00 44.14 ? 73  GLU A CB  1 
ATOM   487 C  CG  . GLU A 1 73 ? 3.360   1.418   19.885  1.00 45.22 ? 73  GLU A CG  1 
ATOM   488 C  CD  . GLU A 1 73 ? 4.731   1.907   19.430  1.00 45.77 ? 73  GLU A CD  1 
ATOM   489 O  OE1 . GLU A 1 73 ? 5.051   3.094   19.690  1.00 47.76 ? 73  GLU A OE1 1 
ATOM   490 O  OE2 . GLU A 1 73 ? 5.489   1.108   18.821  1.00 48.15 ? 73  GLU A OE2 1 
ATOM   491 N  N   . GLY A 1 74 ? -0.303  1.381   21.002  1.00 45.33 ? 74  GLY A N   1 
ATOM   492 C  CA  . GLY A 1 74 ? -1.104  2.339   21.761  1.00 45.65 ? 74  GLY A CA  1 
ATOM   493 C  C   . GLY A 1 74 ? -2.361  2.684   20.993  1.00 45.87 ? 74  GLY A C   1 
ATOM   494 O  O   . GLY A 1 74 ? -3.073  1.795   20.517  1.00 46.26 ? 74  GLY A O   1 
ATOM   495 N  N   . THR A 1 75 ? -2.615  3.980   20.856  1.00 45.93 ? 75  THR A N   1 
ATOM   496 C  CA  . THR A 1 75 ? -3.773  4.489   20.117  1.00 45.88 ? 75  THR A CA  1 
ATOM   497 C  C   . THR A 1 75 ? -3.461  4.702   18.620  1.00 45.50 ? 75  THR A C   1 
ATOM   498 O  O   . THR A 1 75 ? -4.295  5.213   17.860  1.00 45.65 ? 75  THR A O   1 
ATOM   499 C  CB  . THR A 1 75 ? -4.310  5.791   20.777  1.00 46.17 ? 75  THR A CB  1 
ATOM   500 O  OG1 . THR A 1 75 ? -5.324  6.381   19.953  1.00 47.34 ? 75  THR A OG1 1 
ATOM   501 C  CG2 . THR A 1 75 ? -3.178  6.801   21.004  1.00 46.52 ? 75  THR A CG2 1 
ATOM   502 N  N   . ARG A 1 76 ? -2.265  4.280   18.205  1.00 44.72 ? 76  ARG A N   1 
ATOM   503 C  CA  . ARG A 1 76 ? -1.781  4.484   16.835  1.00 43.61 ? 76  ARG A CA  1 
ATOM   504 C  C   . ARG A 1 76 ? -1.648  3.175   16.091  1.00 42.53 ? 76  ARG A C   1 
ATOM   505 O  O   . ARG A 1 76 ? -1.575  2.109   16.703  1.00 42.68 ? 76  ARG A O   1 
ATOM   506 C  CB  . ARG A 1 76 ? -0.427  5.193   16.843  1.00 43.93 ? 76  ARG A CB  1 
ATOM   507 C  CG  . ARG A 1 76 ? -0.390  6.376   17.779  1.00 45.41 ? 76  ARG A CG  1 
ATOM   508 C  CD  . ARG A 1 76 ? 0.550   7.465   17.309  1.00 49.44 ? 76  ARG A CD  1 
ATOM   509 N  NE  . ARG A 1 76 ? 0.200   8.736   17.941  1.00 53.01 ? 76  ARG A NE  1 
ATOM   510 C  CZ  . ARG A 1 76 ? -0.798  9.521   17.535  1.00 55.44 ? 76  ARG A CZ  1 
ATOM   511 N  NH1 . ARG A 1 76 ? -1.546  9.172   16.485  1.00 55.64 ? 76  ARG A NH1 1 
ATOM   512 N  NH2 . ARG A 1 76 ? -1.054  10.657  18.176  1.00 55.98 ? 76  ARG A NH2 1 
ATOM   513 N  N   . GLN A 1 77 ? -1.612  3.276   14.764  1.00 40.78 ? 77  GLN A N   1 
ATOM   514 C  CA  . GLN A 1 77 ? -1.408  2.149   13.886  1.00 39.44 ? 77  GLN A CA  1 
ATOM   515 C  C   . GLN A 1 77 ? -0.290  2.531   12.906  1.00 37.93 ? 77  GLN A C   1 
ATOM   516 O  O   . GLN A 1 77 ? -0.307  3.620   12.313  1.00 38.31 ? 77  GLN A O   1 
ATOM   517 C  CB  . GLN A 1 77 ? -2.703  1.881   13.130  1.00 39.44 ? 77  GLN A CB  1 
ATOM   518 C  CG  . GLN A 1 77 ? -3.161  0.444   13.111  1.00 40.38 ? 77  GLN A CG  1 
ATOM   519 C  CD  . GLN A 1 77 ? -4.364  0.238   12.209  1.00 40.87 ? 77  GLN A CD  1 
ATOM   520 O  OE1 . GLN A 1 77 ? -4.949  1.198   11.694  1.00 43.22 ? 77  GLN A OE1 1 
ATOM   521 N  NE2 . GLN A 1 77 ? -4.733  -1.017  12.000  1.00 42.66 ? 77  GLN A NE2 1 
ATOM   522 N  N   . TYR A 1 78 ? 0.687   1.651   12.752  1.00 35.87 ? 78  TYR A N   1 
ATOM   523 C  CA  . TYR A 1 78 ? 1.824   1.895   11.871  1.00 34.46 ? 78  TYR A CA  1 
ATOM   524 C  C   . TYR A 1 78 ? 1.777   0.940   10.684  1.00 33.05 ? 78  TYR A C   1 
ATOM   525 O  O   . TYR A 1 78 ? 1.626   -0.271  10.850  1.00 32.89 ? 78  TYR A O   1 
ATOM   526 C  CB  . TYR A 1 78 ? 3.151   1.749   12.632  1.00 34.33 ? 78  TYR A CB  1 
ATOM   527 C  CG  . TYR A 1 78 ? 3.335   2.781   13.723  1.00 35.12 ? 78  TYR A CG  1 
ATOM   528 C  CD1 . TYR A 1 78 ? 4.033   3.966   13.480  1.00 35.10 ? 78  TYR A CD1 1 
ATOM   529 C  CD2 . TYR A 1 78 ? 2.804   2.581   15.002  1.00 35.49 ? 78  TYR A CD2 1 
ATOM   530 C  CE1 . TYR A 1 78 ? 4.198   4.930   14.486  1.00 35.20 ? 78  TYR A CE1 1 
ATOM   531 C  CE2 . TYR A 1 78 ? 2.962   3.538   16.013  1.00 35.47 ? 78  TYR A CE2 1 
ATOM   532 C  CZ  . TYR A 1 78 ? 3.654   4.712   15.744  1.00 34.92 ? 78  TYR A CZ  1 
ATOM   533 O  OH  . TYR A 1 78 ? 3.810   5.660   16.739  1.00 36.71 ? 78  TYR A OH  1 
ATOM   534 N  N   . TYR A 1 79 ? 1.910   1.494   9.489   1.00 31.75 ? 79  TYR A N   1 
ATOM   535 C  CA  . TYR A 1 79 ? 1.878   0.701   8.258   1.00 31.18 ? 79  TYR A CA  1 
ATOM   536 C  C   . TYR A 1 79 ? 3.239   0.722   7.591   1.00 30.65 ? 79  TYR A C   1 
ATOM   537 O  O   . TYR A 1 79 ? 3.944   1.733   7.651   1.00 30.23 ? 79  TYR A O   1 
ATOM   538 C  CB  . TYR A 1 79 ? 0.851   1.272   7.276   1.00 31.25 ? 79  TYR A CB  1 
ATOM   539 C  CG  . TYR A 1 79 ? -0.567  0.824   7.518   1.00 31.14 ? 79  TYR A CG  1 
ATOM   540 C  CD1 . TYR A 1 79 ? -1.111  -0.225  6.778   1.00 31.81 ? 79  TYR A CD1 1 
ATOM   541 C  CD2 . TYR A 1 79 ? -1.361  1.436   8.492   1.00 30.97 ? 79  TYR A CD2 1 
ATOM   542 C  CE1 . TYR A 1 79 ? -2.417  -0.656  6.981   1.00 31.88 ? 79  TYR A CE1 1 
ATOM   543 C  CE2 . TYR A 1 79 ? -2.686  1.018   8.703   1.00 32.51 ? 79  TYR A CE2 1 
ATOM   544 C  CZ  . TYR A 1 79 ? -3.198  -0.032  7.937   1.00 32.95 ? 79  TYR A CZ  1 
ATOM   545 O  OH  . TYR A 1 79 ? -4.491  -0.466  8.108   1.00 33.92 ? 79  TYR A OH  1 
ATOM   546 N  N   . ARG A 1 80 ? 3.601   -0.387  6.962   0.50 29.49 ? 80  ARG A N   1 
ATOM   547 C  CA  A ARG A 1 80 ? 4.809   -0.512  6.226   0.00 20.00 ? 80  ARG A CA  1 
ATOM   548 C  CA  B ARG A 1 80 ? 4.788   -0.433  6.135   0.50 29.29 ? 80  ARG A CA  1 
ATOM   549 C  C   . ARG A 1 80 ? 4.602   -1.342  4.941   0.50 29.68 ? 80  ARG A C   1 
ATOM   550 O  O   . ARG A 1 80 ? 3.759   -2.234  4.928   0.50 28.19 ? 80  ARG A O   1 
ATOM   551 C  CB  A ARG A 1 80 ? 5.874   -1.157  7.122   0.00 20.00 ? 80  ARG A CB  1 
ATOM   552 C  CB  B ARG A 1 80 ? 6.028   -0.879  6.915   0.50 28.66 ? 80  ARG A CB  1 
ATOM   553 C  CG  A ARG A 1 80 ? 5.548   -2.571  7.595   0.00 20.00 ? 80  ARG A CG  1 
ATOM   554 C  CG  B ARG A 1 80 ? 5.797   -1.845  8.052   0.50 28.43 ? 80  ARG A CG  1 
ATOM   555 C  CD  A ARG A 1 80 ? 6.796   -3.261  8.127   0.00 20.00 ? 80  ARG A CD  1 
ATOM   556 C  CD  B ARG A 1 80 ? 5.320   -3.203  7.637   0.50 26.84 ? 80  ARG A CD  1 
ATOM   557 N  NE  A ARG A 1 80 ? 6.600   -4.680  8.410   0.00 20.00 ? 80  ARG A NE  1 
ATOM   558 N  NE  B ARG A 1 80 ? 6.023   -4.303  8.318   0.50 27.77 ? 80  ARG A NE  1 
ATOM   559 C  CZ  A ARG A 1 80 ? 6.892   -5.673  7.569   0.00 20.00 ? 80  ARG A CZ  1 
ATOM   560 C  CZ  B ARG A 1 80 ? 5.724   -4.787  9.523   0.50 28.31 ? 80  ARG A CZ  1 
ATOM   561 N  NH1 A ARG A 1 80 ? 7.382   -5.431  6.356   0.00 20.00 ? 80  ARG A NH1 1 
ATOM   562 N  NH1 B ARG A 1 80 ? 4.757   -4.264  10.269  0.50 27.81 ? 80  ARG A NH1 1 
ATOM   563 N  NH2 A ARG A 1 80 ? 6.688   -6.925  7.942   0.00 20.00 ? 80  ARG A NH2 1 
ATOM   564 N  NH2 B ARG A 1 80 ? 6.424   -5.802  10.001  0.50 31.35 ? 80  ARG A NH2 1 
ATOM   565 N  N   . ILE A 1 81 ? 5.434   -1.092  3.946   1.00 31.17 ? 81  ILE A N   1 
ATOM   566 C  CA  . ILE A 1 81 ? 5.565   -1.951  2.774   1.00 32.37 ? 81  ILE A CA  1 
ATOM   567 C  C   . ILE A 1 81 ? 5.867   -3.371  3.239   1.00 32.71 ? 81  ILE A C   1 
ATOM   568 O  O   . ILE A 1 81 ? 6.754   -3.578  4.054   1.00 32.10 ? 81  ILE A O   1 
ATOM   569 C  CB  . ILE A 1 81 ? 6.627   -1.361  1.824   1.00 32.53 ? 81  ILE A CB  1 
ATOM   570 C  CG1 . ILE A 1 81 ? 5.968   -0.193  1.067   1.00 34.07 ? 81  ILE A CG1 1 
ATOM   571 C  CG2 . ILE A 1 81 ? 7.248   -2.448  0.877   1.00 32.53 ? 81  ILE A CG2 1 
ATOM   572 C  CD1 . ILE A 1 81 ? 6.909   0.611   0.236   1.00 37.69 ? 81  ILE A CD1 1 
ATOM   573 N  N   . ALA A 1 82 ? 5.080   -4.329  2.739   1.00 33.76 ? 82  ALA A N   1 
ATOM   574 C  CA  . ALA A 1 82 ? 5.044   -5.697  3.271   1.00 34.63 ? 82  ALA A CA  1 
ATOM   575 C  C   . ALA A 1 82 ? 6.335   -6.507  3.112   1.00 35.52 ? 82  ALA A C   1 
ATOM   576 O  O   . ALA A 1 82 ? 6.627   -7.374  3.949   1.00 36.35 ? 82  ALA A O   1 
ATOM   577 C  CB  . ALA A 1 82 ? 3.850   -6.463  2.695   1.00 34.51 ? 82  ALA A CB  1 
ATOM   578 N  N   . GLY A 1 83 ? 7.097   -6.257  2.047   1.00 35.97 ? 83  GLY A N   1 
ATOM   579 C  CA  . GLY A 1 83 ? 8.444   -6.844  1.924   1.00 35.81 ? 83  GLY A CA  1 
ATOM   580 C  C   . GLY A 1 83 ? 9.226   -6.306  0.744   1.00 35.78 ? 83  GLY A C   1 
ATOM   581 O  O   . GLY A 1 83 ? 8.755   -5.408  0.039   1.00 35.55 ? 83  GLY A O   1 
ATOM   582 N  N   . GLU A 1 84 ? 10.419  -6.861  0.523   1.00 35.55 ? 84  GLU A N   1 
ATOM   583 C  CA  . GLU A 1 84 ? 11.232  -6.512  -0.641  1.00 36.31 ? 84  GLU A CA  1 
ATOM   584 C  C   . GLU A 1 84 ? 10.510  -6.782  -1.974  1.00 35.93 ? 84  GLU A C   1 
ATOM   585 O  O   . GLU A 1 84 ? 10.553  -5.945  -2.887  1.00 35.97 ? 84  GLU A O   1 
ATOM   586 C  CB  . GLU A 1 84 ? 12.568  -7.277  -0.619  1.00 36.82 ? 84  GLU A CB  1 
ATOM   587 C  CG  . GLU A 1 84 ? 13.374  -7.156  -1.930  1.00 39.66 ? 84  GLU A CG  1 
ATOM   588 C  CD  . GLU A 1 84 ? 14.393  -5.960  -1.883  1.00 44.05 ? 84  GLU A CD  1 
ATOM   589 O  OE1 . GLU A 1 84 ? 14.025  -4.825  -1.457  1.00 44.88 ? 84  GLU A OE1 1 
ATOM   590 O  OE2 . GLU A 1 84 ? 15.576  -6.166  -2.281  1.00 45.16 ? 84  GLU A OE2 1 
ATOM   591 N  N   . ASP A 1 85 ? 9.866   -7.949  -2.084  1.00 35.51 ? 85  ASP A N   1 
ATOM   592 C  CA  . ASP A 1 85 ? 9.144   -8.320  -3.305  1.00 35.42 ? 85  ASP A CA  1 
ATOM   593 C  C   . ASP A 1 85 ? 8.118   -7.235  -3.670  1.00 34.82 ? 85  ASP A C   1 
ATOM   594 O  O   . ASP A 1 85 ? 7.945   -6.902  -4.846  1.00 34.34 ? 85  ASP A O   1 
ATOM   595 C  CB  . ASP A 1 85 ? 8.490   -9.709  -3.171  1.00 35.46 ? 85  ASP A CB  1 
ATOM   596 C  CG  . ASP A 1 85 ? 9.527   -10.862 -3.142  1.00 38.69 ? 85  ASP A CG  1 
ATOM   597 O  OD1 . ASP A 1 85 ? 10.735  -10.626 -3.379  1.00 40.48 ? 85  ASP A OD1 1 
ATOM   598 O  OD2 . ASP A 1 85 ? 9.135   -12.029 -2.887  1.00 41.64 ? 85  ASP A OD2 1 
ATOM   599 N  N   . VAL A 1 86 ? 7.467   -6.667  -2.657  1.00 34.34 ? 86  VAL A N   1 
ATOM   600 C  CA  . VAL A 1 86 ? 6.544   -5.541  -2.865  1.00 34.05 ? 86  VAL A CA  1 
ATOM   601 C  C   . VAL A 1 86 ? 7.277   -4.260  -3.312  1.00 33.91 ? 86  VAL A C   1 
ATOM   602 O  O   . VAL A 1 86 ? 6.785   -3.542  -4.185  1.00 33.08 ? 86  VAL A O   1 
ATOM   603 C  CB  . VAL A 1 86 ? 5.641   -5.289  -1.625  1.00 34.22 ? 86  VAL A CB  1 
ATOM   604 C  CG1 . VAL A 1 86 ? 4.759   -4.060  -1.830  1.00 34.02 ? 86  VAL A CG1 1 
ATOM   605 C  CG2 . VAL A 1 86 ? 4.771   -6.515  -1.348  1.00 33.64 ? 86  VAL A CG2 1 
ATOM   606 N  N   . ALA A 1 87 ? 8.447   -3.993  -2.728  1.00 34.05 ? 87  ALA A N   1 
ATOM   607 C  CA  . ALA A 1 87 ? 9.294   -2.859  -3.139  1.00 34.44 ? 87  ALA A CA  1 
ATOM   608 C  C   . ALA A 1 87 ? 9.830   -3.037  -4.573  1.00 34.52 ? 87  ALA A C   1 
ATOM   609 O  O   . ALA A 1 87 ? 9.824   -2.096  -5.371  1.00 35.05 ? 87  ALA A O   1 
ATOM   610 C  CB  . ALA A 1 87 ? 10.460  -2.652  -2.153  1.00 34.21 ? 87  ALA A CB  1 
ATOM   611 N  N   . ARG A 1 88 ? 10.300  -4.236  -4.898  1.00 34.04 ? 88  ARG A N   1 
ATOM   612 C  CA  . ARG A 1 88 ? 10.627  -4.547  -6.288  1.00 34.17 ? 88  ARG A CA  1 
ATOM   613 C  C   . ARG A 1 88 ? 9.395   -4.415  -7.202  1.00 33.35 ? 88  ARG A C   1 
ATOM   614 O  O   . ARG A 1 88 ? 9.492   -3.860  -8.298  1.00 32.88 ? 88  ARG A O   1 
ATOM   615 C  CB  . ARG A 1 88 ? 11.282  -5.930  -6.411  1.00 34.08 ? 88  ARG A CB  1 
ATOM   616 C  CG  . ARG A 1 88 ? 12.654  -6.002  -5.702  1.00 34.77 ? 88  ARG A CG  1 
ATOM   617 C  CD  . ARG A 1 88 ? 13.396  -7.296  -5.998  1.00 35.77 ? 88  ARG A CD  1 
ATOM   618 N  NE  . ARG A 1 88 ? 12.681  -8.485  -5.531  1.00 39.74 ? 88  ARG A NE  1 
ATOM   619 C  CZ  . ARG A 1 88 ? 12.264  -9.484  -6.309  1.00 41.62 ? 88  ARG A CZ  1 
ATOM   620 N  NH1 . ARG A 1 88 ? 12.485  -9.470  -7.624  1.00 43.30 ? 88  ARG A NH1 1 
ATOM   621 N  NH2 . ARG A 1 88 ? 11.628  -10.515 -5.767  1.00 42.70 ? 88  ARG A NH2 1 
ATOM   622 N  N   . LEU A 1 89 ? 8.240   -4.885  -6.732  1.00 32.92 ? 89  LEU A N   1 
ATOM   623 C  CA  . LEU A 1 89 ? 7.013   -4.843  -7.549  1.00 33.27 ? 89  LEU A CA  1 
ATOM   624 C  C   . LEU A 1 89 ? 6.594   -3.418  -7.914  1.00 32.93 ? 89  LEU A C   1 
ATOM   625 O  O   . LEU A 1 89 ? 6.266   -3.126  -9.067  1.00 33.09 ? 89  LEU A O   1 
ATOM   626 C  CB  . LEU A 1 89 ? 5.857   -5.583  -6.866  1.00 33.05 ? 89  LEU A CB  1 
ATOM   627 C  CG  . LEU A 1 89 ? 4.478   -5.412  -7.503  1.00 34.04 ? 89  LEU A CG  1 
ATOM   628 C  CD1 . LEU A 1 89 ? 4.417   -6.154  -8.837  1.00 34.29 ? 89  LEU A CD1 1 
ATOM   629 C  CD2 . LEU A 1 89 ? 3.390   -5.895  -6.562  1.00 34.93 ? 89  LEU A CD2 1 
ATOM   630 N  N   . PHE A 1 90 ? 6.613   -2.543  -6.922  1.00 32.85 ? 90  PHE A N   1 
ATOM   631 C  CA  . PHE A 1 90 ? 6.226   -1.156  -7.103  1.00 33.06 ? 90  PHE A CA  1 
ATOM   632 C  C   . PHE A 1 90 ? 7.238   -0.399  -7.964  1.00 32.97 ? 90  PHE A C   1 
ATOM   633 O  O   . PHE A 1 90 ? 6.858   0.463   -8.750  1.00 33.10 ? 90  PHE A O   1 
ATOM   634 C  CB  . PHE A 1 90 ? 6.046   -0.505  -5.730  1.00 33.45 ? 90  PHE A CB  1 
ATOM   635 C  CG  . PHE A 1 90 ? 5.590   0.935   -5.774  1.00 34.26 ? 90  PHE A CG  1 
ATOM   636 C  CD1 . PHE A 1 90 ? 4.481   1.316   -6.536  1.00 34.15 ? 90  PHE A CD1 1 
ATOM   637 C  CD2 . PHE A 1 90 ? 6.258   1.906   -5.023  1.00 33.21 ? 90  PHE A CD2 1 
ATOM   638 C  CE1 . PHE A 1 90 ? 4.057   2.643   -6.556  1.00 33.27 ? 90  PHE A CE1 1 
ATOM   639 C  CE2 . PHE A 1 90 ? 5.832   3.240   -5.042  1.00 34.17 ? 90  PHE A CE2 1 
ATOM   640 C  CZ  . PHE A 1 90 ? 4.725   3.603   -5.810  1.00 32.55 ? 90  PHE A CZ  1 
ATOM   641 N  N   . ALA A 1 91 ? 8.523   -0.725  -7.830  1.00 32.50 ? 91  ALA A N   1 
ATOM   642 C  CA  . ALA A 1 91 ? 9.520   -0.141  -8.712  1.00 32.04 ? 91  ALA A CA  1 
ATOM   643 C  C   . ALA A 1 91 ? 9.255   -0.581  -10.161 1.00 31.81 ? 91  ALA A C   1 
ATOM   644 O  O   . ALA A 1 91 ? 9.225   0.252   -11.068 1.00 32.09 ? 91  ALA A O   1 
ATOM   645 C  CB  . ALA A 1 91 ? 10.941  -0.521  -8.267  1.00 32.05 ? 91  ALA A CB  1 
ATOM   646 N  N   . LEU A 1 92 ? 9.045   -1.883  -10.362 1.00 31.10 ? 92  LEU A N   1 
ATOM   647 C  CA  . LEU A 1 92 ? 8.878   -2.464  -11.706 1.00 30.84 ? 92  LEU A CA  1 
ATOM   648 C  C   . LEU A 1 92 ? 7.605   -2.021  -12.426 1.00 30.56 ? 92  LEU A C   1 
ATOM   649 O  O   . LEU A 1 92 ? 7.597   -1.891  -13.647 1.00 31.05 ? 92  LEU A O   1 
ATOM   650 C  CB  . LEU A 1 92 ? 8.947   -3.997  -11.649 1.00 30.72 ? 92  LEU A CB  1 
ATOM   651 C  CG  . LEU A 1 92 ? 8.800   -4.848  -12.914 1.00 30.57 ? 92  LEU A CG  1 
ATOM   652 C  CD1 . LEU A 1 92 ? 9.833   -4.499  -13.993 1.00 30.96 ? 92  LEU A CD1 1 
ATOM   653 C  CD2 . LEU A 1 92 ? 8.918   -6.310  -12.552 1.00 30.76 ? 92  LEU A CD2 1 
ATOM   654 N  N   . VAL A 1 93 ? 6.530   -1.818  -11.676 1.00 30.41 ? 93  VAL A N   1 
ATOM   655 C  CA  . VAL A 1 93 ? 5.262   -1.363  -12.257 1.00 30.16 ? 93  VAL A CA  1 
ATOM   656 C  C   . VAL A 1 93 ? 5.381   0.081   -12.763 1.00 29.90 ? 93  VAL A C   1 
ATOM   657 O  O   . VAL A 1 93 ? 4.767   0.450   -13.762 1.00 29.48 ? 93  VAL A O   1 
ATOM   658 C  CB  . VAL A 1 93 ? 4.082   -1.543  -11.267 1.00 30.13 ? 93  VAL A CB  1 
ATOM   659 C  CG1 . VAL A 1 93 ? 4.068   -0.431  -10.184 1.00 30.60 ? 93  VAL A CG1 1 
ATOM   660 C  CG2 . VAL A 1 93 ? 2.764   -1.621  -12.014 1.00 30.46 ? 93  VAL A CG2 1 
ATOM   661 N  N   . GLN A 1 94 ? 6.202   0.878   -12.086 1.00 29.80 ? 94  GLN A N   1 
ATOM   662 C  CA  . GLN A 1 94 ? 6.535   2.221   -12.544 1.00 30.12 ? 94  GLN A CA  1 
ATOM   663 C  C   . GLN A 1 94 ? 7.382   2.195   -13.807 1.00 30.07 ? 94  GLN A C   1 
ATOM   664 O  O   . GLN A 1 94 ? 7.252   3.077   -14.650 1.00 30.30 ? 94  GLN A O   1 
ATOM   665 C  CB  . GLN A 1 94 ? 7.257   2.999   -11.446 1.00 30.44 ? 94  GLN A CB  1 
ATOM   666 C  CG  . GLN A 1 94 ? 6.369   3.328   -10.266 1.00 30.99 ? 94  GLN A CG  1 
ATOM   667 C  CD  . GLN A 1 94 ? 7.126   4.025   -9.145  1.00 32.64 ? 94  GLN A CD  1 
ATOM   668 O  OE1 . GLN A 1 94 ? 7.529   3.390   -8.171  1.00 33.00 ? 94  GLN A OE1 1 
ATOM   669 N  NE2 . GLN A 1 94 ? 7.317   5.336   -9.280  1.00 31.61 ? 94  GLN A NE2 1 
ATOM   670 N  N   . VAL A 1 95 ? 8.247   1.190   -13.934 1.00 30.15 ? 95  VAL A N   1 
ATOM   671 C  CA  . VAL A 1 95 ? 9.015   0.984   -15.165 1.00 30.22 ? 95  VAL A CA  1 
ATOM   672 C  C   . VAL A 1 95 ? 8.078   0.594   -16.314 1.00 30.42 ? 95  VAL A C   1 
ATOM   673 O  O   . VAL A 1 95 ? 8.167   1.153   -17.413 1.00 30.51 ? 95  VAL A O   1 
ATOM   674 C  CB  . VAL A 1 95 ? 10.145  -0.075  -14.989 1.00 30.29 ? 95  VAL A CB  1 
ATOM   675 C  CG1 . VAL A 1 95 ? 10.778  -0.451  -16.336 1.00 30.38 ? 95  VAL A CG1 1 
ATOM   676 C  CG2 . VAL A 1 95 ? 11.224  0.439   -14.047 1.00 30.87 ? 95  VAL A CG2 1 
ATOM   677 N  N   . VAL A 1 96 ? 7.179   -0.356  -16.048 1.00 30.62 ? 96  VAL A N   1 
ATOM   678 C  CA  . VAL A 1 96 ? 6.209   -0.832  -17.038 1.00 30.82 ? 96  VAL A CA  1 
ATOM   679 C  C   . VAL A 1 96 ? 5.315   0.313   -17.510 1.00 31.32 ? 96  VAL A C   1 
ATOM   680 O  O   . VAL A 1 96 ? 5.090   0.477   -18.714 1.00 30.91 ? 96  VAL A O   1 
ATOM   681 C  CB  . VAL A 1 96 ? 5.368   -2.018  -16.490 1.00 30.73 ? 96  VAL A CB  1 
ATOM   682 C  CG1 . VAL A 1 96 ? 4.087   -2.232  -17.310 1.00 30.50 ? 96  VAL A CG1 1 
ATOM   683 C  CG2 . VAL A 1 96 ? 6.204   -3.291  -16.475 1.00 30.23 ? 96  VAL A CG2 1 
ATOM   684 N  N   . ALA A 1 97 ? 4.835   1.101   -16.547 1.00 32.06 ? 97  ALA A N   1 
ATOM   685 C  CA  . ALA A 1 97 ? 4.004   2.279   -16.798 1.00 32.88 ? 97  ALA A CA  1 
ATOM   686 C  C   . ALA A 1 97 ? 4.745   3.315   -17.634 1.00 33.71 ? 97  ALA A C   1 
ATOM   687 O  O   . ALA A 1 97 ? 4.221   3.793   -18.649 1.00 33.67 ? 97  ALA A O   1 
ATOM   688 C  CB  . ALA A 1 97 ? 3.546   2.889   -15.477 1.00 32.67 ? 97  ALA A CB  1 
ATOM   689 N  N   . ASP A 1 98 ? 5.968   3.647   -17.214 1.00 34.59 ? 98  ASP A N   1 
ATOM   690 C  CA  . ASP A 1 98 ? 6.836   4.545   -17.973 1.00 35.46 ? 98  ASP A CA  1 
ATOM   691 C  C   . ASP A 1 98 ? 6.944   4.058   -19.414 1.00 35.82 ? 98  ASP A C   1 
ATOM   692 O  O   . ASP A 1 98 ? 7.082   4.857   -20.340 1.00 35.98 ? 98  ASP A O   1 
ATOM   693 C  CB  . ASP A 1 98 ? 8.221   4.632   -17.329 1.00 35.72 ? 98  ASP A CB  1 
ATOM   694 C  CG  . ASP A 1 98 ? 8.964   5.902   -17.707 1.00 36.42 ? 98  ASP A CG  1 
ATOM   695 O  OD1 . ASP A 1 98 ? 8.554   6.987   -17.243 1.00 37.78 ? 98  ASP A OD1 1 
ATOM   696 O  OD2 . ASP A 1 98 ? 9.958   5.815   -18.459 1.00 37.33 ? 98  ASP A OD2 1 
ATOM   697 N  N   . GLU A 1 99 ? 6.888   2.734   -19.574 1.00 36.46 ? 99  GLU A N   1 
ATOM   698 C  CA  . GLU A 1 99 ? 6.637   2.055   -20.859 1.00 37.03 ? 99  GLU A CA  1 
ATOM   699 C  C   . GLU A 1 99 ? 7.911   1.807   -21.625 1.00 36.72 ? 99  GLU A C   1 
ATOM   700 O  O   . GLU A 1 99 ? 8.068   2.337   -22.727 1.00 37.33 ? 99  GLU A O   1 
ATOM   701 C  CB  . GLU A 1 99 ? 5.636   2.842   -21.715 1.00 37.14 ? 99  GLU A CB  1 
ATOM   702 C  CG  . GLU A 1 99 ? 4.387   2.073   -22.098 1.00 38.54 ? 99  GLU A CG  1 
ATOM   703 C  CD  . GLU A 1 99 ? 3.140   2.944   -22.062 1.00 39.59 ? 99  GLU A CD  1 
ATOM   704 O  OE1 . GLU A 1 99 ? 3.137   3.962   -21.341 1.00 39.75 ? 99  GLU A OE1 1 
ATOM   705 O  OE2 . GLU A 1 99 ? 2.158   2.611   -22.757 1.00 41.13 ? 99  GLU A OE2 1 
HETATM 706 O  O   . HOH B 2 .  ? -1.875  7.000   13.866  1.00 23.41 ? 109 HOH A O   1 
HETATM 707 O  O   . HOH B 2 .  ? 4.175   -1.643  10.521  1.00 31.85 ? 110 HOH A O   1 
HETATM 708 O  O   . HOH B 2 .  ? -2.310  17.511  4.874   1.00 35.29 ? 111 HOH A O   1 
HETATM 709 O  O   . HOH B 2 .  ? 5.047   8.420   11.335  1.00 27.81 ? 112 HOH A O   1 
HETATM 710 O  O   . HOH B 2 .  ? 11.959  -3.887  -9.566  1.00 23.70 ? 113 HOH A O   1 
HETATM 711 O  O   . HOH B 2 .  ? -2.668  13.138  -2.341  1.00 40.99 ? 114 HOH A O   1 
HETATM 712 O  O   . HOH B 2 .  ? -7.973  7.957   -2.641  1.00 50.98 ? 115 HOH A O   1 
HETATM 713 O  O   . HOH B 2 .  ? 5.921   -2.245  -22.703 1.00 25.24 ? 116 HOH A O   1 
HETATM 714 O  O   . HOH B 2 .  ? -9.278  13.695  8.996   1.00 35.10 ? 117 HOH A O   1 
HETATM 715 O  O   . HOH B 2 .  ? -10.706 0.058   1.540   1.00 48.68 ? 118 HOH A O   1 
HETATM 716 O  O   . HOH B 2 .  ? -6.506  17.398  -0.410  1.00 42.64 ? 119 HOH A O   1 
HETATM 717 O  O   . HOH B 2 .  ? 1.965   12.656  -1.171  1.00 49.09 ? 120 HOH A O   1 
HETATM 718 O  O   . HOH B 2 .  ? -5.545  14.546  7.613   1.00 51.36 ? 121 HOH A O   1 
HETATM 719 O  O   . HOH B 2 .  ? -7.477  -3.779  -2.377  1.00 46.13 ? 122 HOH A O   1 
HETATM 720 O  O   . HOH B 2 .  ? 10.967  2.148   -10.769 1.00 29.31 ? 123 HOH A O   1 
HETATM 721 O  O   . HOH B 2 .  ? -0.878  -6.406  9.091   1.00 36.03 ? 124 HOH A O   1 
HETATM 722 O  O   . HOH B 2 .  ? -1.048  10.046  -7.760  1.00 37.63 ? 125 HOH A O   1 
HETATM 723 O  O   . HOH B 2 .  ? -12.231 4.213   6.418   1.00 41.24 ? 126 HOH A O   1 
HETATM 724 O  O   . HOH B 2 .  ? 7.863   0.930   4.694   1.00 34.15 ? 127 HOH A O   1 
# 
